data_7KZ9
#
_entry.id   7KZ9
#
_cell.length_a   42.395
_cell.length_b   62.576
_cell.length_c   92.602
_cell.angle_alpha   97.220
_cell.angle_beta   91.650
_cell.angle_gamma   89.970
#
_symmetry.space_group_name_H-M   'P 1'
#
loop_
_entity.id
_entity.type
_entity.pdbx_description
1 polymer 'Peptide/nickel transport system substrate-binding protein AapF'
2 non-polymer N,N~2~-bis(2-hydroxyethyl)glycinamide
3 non-polymer GLYCEROL
4 non-polymer 'SULFATE ION'
5 water water
#
_entity_poly.entity_id   1
_entity_poly.type   'polypeptide(L)'
_entity_poly.pdbx_seq_one_letter_code
;MGSSHHHHHHSSGAGVLTIGCREDSTTFDPIKSAQNRDTWVFANVYDTLVRVDNLGTKMEPGLAESWDISKDGLTYTFKL
REAKFSDGSPITAEDAAFSLLRIRDNKASLWSDPFSLINTAKATDPKTLVVTLKTPAVAFLSQLASPTVSILSEKAMTKM
GEDAYAENPVTSGAFTVDEWRKGDRVILKKNPNFWQAKNVSLDGVEWVSVTDDNTRMRMVQNNELDTAIFVPFSRVEELK
KDKNVVIHSDPSTREDHLLINHEHGLLAKPEVRQALDMAIDKQSLVKTATYGQGTVAYSYIPKGSLYHYANNLQRPYDPA
AAKKLLADAGAKDLKLNYVVNAGNEADEQIAVIIKDQLAKVGVTANLQKVDPTQSWQMLVDGTYDISVMYWTNDILDPDQ
KTTFVLGHDTNQNYMTRYKNDQVKALVAAARIEADPAKREQMYIDLQKLAKQDVNWIDLYYSPYINISRKNVSNFLQNPL
GRFTLEEVVKN
;
_entity_poly.pdbx_strand_id   A,B
#
loop_
_chem_comp.id
_chem_comp.type
_chem_comp.name
_chem_comp.formula
GOL non-polymer GLYCEROL 'C3 H8 O3'
SO4 non-polymer 'SULFATE ION' 'O4 S -2'
XN7 non-polymer N,N~2~-bis(2-hydroxyethyl)glycinamide 'C6 H14 N2 O3'
#
# COMPACT_ATOMS: atom_id res chain seq x y z
N ALA A 14 1.55 33.43 1.62
CA ALA A 14 2.77 33.93 2.27
C ALA A 14 2.41 34.58 3.59
N GLY A 15 3.29 34.44 4.59
CA GLY A 15 2.98 34.81 5.94
C GLY A 15 2.12 33.81 6.69
N VAL A 16 1.47 32.90 5.99
CA VAL A 16 0.63 31.88 6.59
C VAL A 16 1.28 30.52 6.35
N LEU A 17 1.46 29.75 7.41
CA LEU A 17 2.05 28.42 7.33
C LEU A 17 0.94 27.38 7.26
N THR A 18 0.87 26.66 6.16
CA THR A 18 -0.03 25.53 6.05
C THR A 18 0.68 24.26 6.53
N ILE A 19 -0.04 23.46 7.31
CA ILE A 19 0.46 22.21 7.88
C ILE A 19 -0.57 21.12 7.59
N GLY A 20 -0.17 20.12 6.80
CA GLY A 20 -1.05 18.99 6.58
C GLY A 20 -1.01 18.07 7.78
N CYS A 21 -2.17 17.76 8.31
CA CYS A 21 -2.25 16.80 9.41
C CYS A 21 -3.16 15.67 8.99
N ARG A 22 -3.38 14.71 9.90
CA ARG A 22 -4.22 13.54 9.65
C ARG A 22 -5.56 13.71 10.37
N GLU A 23 -5.63 13.39 11.67
CA GLU A 23 -6.86 13.65 12.42
C GLU A 23 -7.04 15.15 12.64
N ASP A 24 -8.30 15.59 12.51
CA ASP A 24 -8.72 16.99 12.54
C ASP A 24 -9.21 17.42 13.92
N SER A 25 -9.19 18.73 14.14
CA SER A 25 -9.65 19.33 15.39
C SER A 25 -11.07 18.91 15.73
N THR A 26 -11.32 18.72 17.03
CA THR A 26 -12.66 18.50 17.55
C THR A 26 -13.10 19.54 18.57
N THR A 27 -12.18 20.21 19.27
CA THR A 27 -12.58 21.19 20.27
C THR A 27 -11.40 22.09 20.60
N PHE A 28 -11.70 23.29 21.10
CA PHE A 28 -10.69 24.16 21.69
C PHE A 28 -10.89 24.33 23.20
N ASP A 29 -11.70 23.46 23.80
CA ASP A 29 -11.82 23.36 25.26
C ASP A 29 -10.89 22.24 25.74
N PRO A 30 -9.74 22.56 26.31
CA PRO A 30 -8.74 21.52 26.63
C PRO A 30 -9.23 20.41 27.54
N ILE A 31 -10.27 20.62 28.35
CA ILE A 31 -10.68 19.55 29.26
C ILE A 31 -11.45 18.45 28.55
N LYS A 32 -11.94 18.70 27.34
CA LYS A 32 -12.83 17.76 26.66
C LYS A 32 -12.12 16.81 25.68
N SER A 33 -10.81 16.92 25.51
CA SER A 33 -10.11 16.07 24.54
C SER A 33 -8.80 15.57 25.11
N ALA A 34 -8.53 14.28 24.88
CA ALA A 34 -7.23 13.68 25.16
C ALA A 34 -6.43 13.40 23.89
N GLN A 35 -6.82 14.00 22.76
CA GLN A 35 -6.24 13.63 21.47
C GLN A 35 -5.33 14.72 20.94
N ASN A 36 -4.24 14.30 20.28
CA ASN A 36 -3.27 15.24 19.71
C ASN A 36 -3.84 16.05 18.57
N ARG A 37 -4.88 15.54 17.89
CA ARG A 37 -5.57 16.36 16.91
C ARG A 37 -6.02 17.69 17.50
N ASP A 38 -6.24 17.73 18.82
CA ASP A 38 -6.57 18.97 19.51
C ASP A 38 -5.36 19.56 20.24
N THR A 39 -4.66 18.79 21.07
CA THR A 39 -3.60 19.37 21.90
C THR A 39 -2.48 19.96 21.06
N TRP A 40 -2.10 19.31 19.96
CA TRP A 40 -1.04 19.87 19.12
C TRP A 40 -1.48 21.14 18.41
N VAL A 41 -2.78 21.36 18.30
CA VAL A 41 -3.29 22.55 17.65
C VAL A 41 -3.43 23.69 18.64
N PHE A 42 -4.11 23.48 19.78
CA PHE A 42 -4.31 24.64 20.65
C PHE A 42 -3.14 24.87 21.61
N ALA A 43 -2.06 24.08 21.50
CA ALA A 43 -0.85 24.39 22.25
C ALA A 43 -0.24 25.72 21.84
N ASN A 44 -0.48 26.16 20.60
CA ASN A 44 -0.03 27.45 20.10
C ASN A 44 -1.12 28.50 20.14
N VAL A 45 -2.30 28.12 20.64
CA VAL A 45 -3.44 29.01 20.78
C VAL A 45 -3.51 29.58 22.19
N TYR A 46 -3.23 28.77 23.21
CA TYR A 46 -3.14 29.26 24.59
C TYR A 46 -1.72 29.13 25.10
N ASP A 47 -1.45 29.88 26.16
CA ASP A 47 -0.22 29.75 26.94
C ASP A 47 -0.54 29.08 28.27
N THR A 48 0.51 28.69 28.98
CA THR A 48 0.40 27.95 30.23
C THR A 48 1.24 28.61 31.31
N LEU A 49 0.94 28.29 32.57
CA LEU A 49 1.70 28.84 33.67
C LEU A 49 3.18 28.57 33.51
N VAL A 50 3.54 27.32 33.19
CA VAL A 50 4.93 26.97 32.95
C VAL A 50 5.03 26.33 31.57
N ARG A 51 6.25 26.35 31.05
CA ARG A 51 6.53 25.79 29.75
C ARG A 51 7.68 24.79 29.89
N VAL A 52 7.94 24.08 28.80
CA VAL A 52 9.06 23.16 28.71
C VAL A 52 9.95 23.63 27.56
N ASP A 53 11.27 23.54 27.75
CA ASP A 53 12.20 24.00 26.73
C ASP A 53 12.09 23.11 25.48
N ASN A 54 12.73 23.55 24.40
CA ASN A 54 12.59 22.90 23.11
C ASN A 54 13.19 21.50 23.07
N LEU A 55 14.11 21.20 23.98
CA LEU A 55 14.73 19.88 24.05
C LEU A 55 14.02 18.96 25.05
N GLY A 56 12.93 19.43 25.67
CA GLY A 56 12.15 18.64 26.59
C GLY A 56 12.93 18.13 27.79
N THR A 57 13.71 19.01 28.44
CA THR A 57 14.52 18.62 29.60
C THR A 57 14.12 19.29 30.90
N LYS A 58 13.46 20.44 30.86
CA LYS A 58 13.22 21.18 32.09
C LYS A 58 12.04 22.12 31.91
N MET A 59 11.49 22.53 33.05
CA MET A 59 10.45 23.54 33.12
C MET A 59 11.04 24.94 33.05
N GLU A 60 10.29 25.85 32.44
CA GLU A 60 10.70 27.23 32.22
C GLU A 60 9.50 28.10 32.47
N PRO A 61 9.72 29.39 32.79
CA PRO A 61 8.57 30.27 33.06
C PRO A 61 7.66 30.41 31.84
N GLY A 62 6.36 30.49 32.12
CA GLY A 62 5.37 30.73 31.09
C GLY A 62 4.62 32.00 31.41
N LEU A 63 3.30 31.89 31.58
CA LEU A 63 2.56 33.02 32.12
C LEU A 63 3.03 33.37 33.53
N ALA A 64 3.50 32.38 34.28
CA ALA A 64 4.10 32.61 35.59
C ALA A 64 5.59 32.85 35.42
N GLU A 65 6.08 34.00 35.87
CA GLU A 65 7.51 34.30 35.76
C GLU A 65 8.33 33.65 36.87
N SER A 66 7.68 33.22 37.95
CA SER A 66 8.38 32.59 39.07
C SER A 66 7.38 31.78 39.87
N TRP A 67 7.89 30.89 40.70
CA TRP A 67 7.02 30.11 41.56
C TRP A 67 7.78 29.66 42.80
N ASP A 68 7.02 29.31 43.84
CA ASP A 68 7.58 28.81 45.08
C ASP A 68 6.69 27.70 45.61
N ILE A 69 7.33 26.70 46.24
CA ILE A 69 6.64 25.56 46.81
C ILE A 69 6.81 25.57 48.32
N SER A 70 5.73 25.26 49.03
CA SER A 70 5.75 25.14 50.49
C SER A 70 6.71 24.04 50.92
N LYS A 71 7.15 24.11 52.18
CA LYS A 71 7.95 23.02 52.74
C LYS A 71 7.12 21.73 52.85
N ASP A 72 5.87 21.85 53.27
CA ASP A 72 5.01 20.67 53.29
C ASP A 72 4.57 20.21 51.87
N GLY A 73 5.10 20.83 50.81
CA GLY A 73 4.79 20.45 49.45
C GLY A 73 3.32 20.50 49.09
N LEU A 74 2.54 21.33 49.79
CA LEU A 74 1.11 21.39 49.60
C LEU A 74 0.65 22.72 49.03
N THR A 75 1.48 23.75 49.08
CA THR A 75 1.11 25.10 48.66
C THR A 75 2.02 25.53 47.51
N TYR A 76 1.41 25.77 46.35
CA TYR A 76 2.12 26.22 45.15
C TYR A 76 1.70 27.65 44.87
N THR A 77 2.66 28.57 44.87
CA THR A 77 2.37 29.98 44.67
C THR A 77 3.09 30.49 43.43
N PHE A 78 2.32 31.07 42.52
CA PHE A 78 2.80 31.50 41.21
C PHE A 78 2.66 33.01 41.06
N LYS A 79 3.74 33.67 40.64
CA LYS A 79 3.75 35.09 40.34
C LYS A 79 3.55 35.27 38.84
N LEU A 80 2.40 35.82 38.46
CA LEU A 80 2.09 36.00 37.06
C LEU A 80 2.75 37.25 36.50
N ARG A 81 3.20 37.16 35.25
CA ARG A 81 3.70 38.33 34.55
C ARG A 81 2.53 39.14 33.97
N GLU A 82 2.81 40.36 33.55
CA GLU A 82 1.80 41.18 32.89
C GLU A 82 1.54 40.63 31.49
N ALA A 83 0.31 40.23 31.21
CA ALA A 83 -0.02 39.63 29.93
C ALA A 83 -1.51 39.83 29.68
N LYS A 84 -1.89 39.82 28.41
CA LYS A 84 -3.26 40.05 28.00
C LYS A 84 -3.82 38.85 27.24
N PHE A 85 -5.14 38.71 27.31
CA PHE A 85 -5.87 37.80 26.44
C PHE A 85 -6.04 38.43 25.07
N SER A 86 -6.54 37.64 24.12
CA SER A 86 -6.65 38.12 22.74
C SER A 86 -7.64 39.26 22.62
N ASP A 87 -8.62 39.33 23.52
CA ASP A 87 -9.63 40.39 23.45
C ASP A 87 -9.20 41.65 24.21
N GLY A 88 -7.92 41.78 24.55
CA GLY A 88 -7.40 42.95 25.23
C GLY A 88 -7.43 42.89 26.74
N SER A 89 -8.29 42.06 27.33
CA SER A 89 -8.42 41.99 28.78
C SER A 89 -7.16 41.38 29.39
N PRO A 90 -6.91 41.62 30.68
CA PRO A 90 -5.68 41.11 31.29
C PRO A 90 -5.80 39.65 31.72
N ILE A 91 -4.64 39.03 31.87
CA ILE A 91 -4.51 37.65 32.35
C ILE A 91 -4.23 37.72 33.83
N THR A 92 -5.19 37.29 34.65
CA THR A 92 -5.08 37.39 36.10
C THR A 92 -4.96 36.00 36.73
N ALA A 93 -4.56 35.98 38.00
CA ALA A 93 -4.47 34.72 38.72
C ALA A 93 -5.84 34.08 38.93
N GLU A 94 -6.92 34.87 38.92
CA GLU A 94 -8.25 34.28 38.98
C GLU A 94 -8.55 33.52 37.69
N ASP A 95 -8.04 33.99 36.55
CA ASP A 95 -8.20 33.24 35.30
C ASP A 95 -7.56 31.87 35.41
N ALA A 96 -6.35 31.80 35.96
CA ALA A 96 -5.67 30.52 36.10
C ALA A 96 -6.39 29.63 37.09
N ALA A 97 -6.80 30.19 38.25
CA ALA A 97 -7.57 29.43 39.23
C ALA A 97 -8.82 28.82 38.60
N PHE A 98 -9.54 29.60 37.79
CA PHE A 98 -10.70 29.07 37.09
C PHE A 98 -10.32 27.93 36.16
N SER A 99 -9.15 28.04 35.53
CA SER A 99 -8.75 27.03 34.55
C SER A 99 -8.44 25.71 35.24
N LEU A 100 -7.56 25.75 36.26
CA LEU A 100 -7.20 24.55 37.01
C LEU A 100 -8.43 23.83 37.57
N LEU A 101 -9.38 24.58 38.13
CA LEU A 101 -10.44 23.94 38.90
C LEU A 101 -11.49 23.27 38.01
N ARG A 102 -11.73 23.77 36.80
CA ARG A 102 -12.67 23.09 35.94
C ARG A 102 -12.11 21.78 35.40
N ILE A 103 -10.77 21.65 35.34
CA ILE A 103 -10.17 20.35 35.02
C ILE A 103 -10.54 19.33 36.09
N ARG A 104 -10.55 19.77 37.35
CA ARG A 104 -10.92 18.88 38.45
C ARG A 104 -12.42 18.63 38.51
N ASP A 105 -13.23 19.68 38.33
CA ASP A 105 -14.64 19.63 38.72
C ASP A 105 -15.65 19.52 37.59
N ASN A 106 -15.29 19.93 36.37
CA ASN A 106 -16.28 19.95 35.29
C ASN A 106 -16.70 18.53 34.92
N LYS A 107 -18.01 18.35 34.70
CA LYS A 107 -18.53 17.02 34.38
C LYS A 107 -17.90 16.45 33.10
N ALA A 108 -17.52 17.30 32.15
CA ALA A 108 -17.02 16.83 30.87
C ALA A 108 -15.51 16.68 30.84
N SER A 109 -14.82 16.89 31.95
CA SER A 109 -13.38 16.80 31.94
C SER A 109 -12.95 15.34 31.80
N LEU A 110 -12.00 15.09 30.91
CA LEU A 110 -11.33 13.80 30.76
C LEU A 110 -10.17 13.62 31.72
N TRP A 111 -9.83 14.65 32.52
CA TRP A 111 -8.62 14.67 33.32
C TRP A 111 -8.90 14.86 34.81
N SER A 112 -10.12 14.56 35.26
CA SER A 112 -10.49 14.80 36.65
C SER A 112 -9.59 14.03 37.61
N ASP A 113 -9.18 12.82 37.23
CA ASP A 113 -8.42 11.96 38.13
C ASP A 113 -7.05 12.50 38.51
N PRO A 114 -6.16 12.87 37.58
CA PRO A 114 -4.88 13.45 38.01
C PRO A 114 -5.01 14.78 38.74
N PHE A 115 -6.11 15.52 38.53
CA PHE A 115 -6.33 16.81 39.17
C PHE A 115 -7.30 16.72 40.34
N SER A 116 -7.74 15.53 40.71
CA SER A 116 -8.48 15.33 41.95
C SER A 116 -7.69 15.73 43.21
N LEU A 117 -6.36 15.80 43.12
CA LEU A 117 -5.54 16.13 44.28
C LEU A 117 -5.46 17.61 44.57
N ILE A 118 -6.22 18.43 43.86
CA ILE A 118 -6.21 19.87 44.09
C ILE A 118 -7.24 20.16 45.17
N ASN A 119 -6.77 20.59 46.34
CA ASN A 119 -7.68 21.06 47.39
C ASN A 119 -8.26 22.39 46.94
N THR A 120 -7.44 23.43 46.90
CA THR A 120 -7.91 24.72 46.42
C THR A 120 -6.90 25.35 45.48
N ALA A 121 -7.43 26.21 44.60
CA ALA A 121 -6.67 27.17 43.82
C ALA A 121 -7.34 28.52 43.98
N LYS A 122 -6.61 29.50 44.50
CA LYS A 122 -7.14 30.86 44.68
C LYS A 122 -6.08 31.89 44.34
N ALA A 123 -6.57 33.05 43.93
CA ALA A 123 -5.73 34.23 43.67
C ALA A 123 -5.76 35.11 44.91
N THR A 124 -4.60 35.30 45.54
CA THR A 124 -4.53 36.25 46.65
C THR A 124 -4.57 37.69 46.15
N ASP A 125 -4.06 37.93 44.96
CA ASP A 125 -4.24 39.19 44.24
C ASP A 125 -4.06 38.89 42.77
N PRO A 126 -4.39 39.86 41.89
CA PRO A 126 -4.40 39.54 40.44
C PRO A 126 -3.08 38.99 39.89
N LYS A 127 -1.94 39.23 40.53
CA LYS A 127 -0.66 38.73 40.04
C LYS A 127 -0.26 37.39 40.66
N THR A 128 -0.96 36.94 41.70
CA THR A 128 -0.48 35.87 42.55
C THR A 128 -1.50 34.73 42.60
N LEU A 129 -1.06 33.52 42.23
CA LEU A 129 -1.90 32.34 42.24
C LEU A 129 -1.43 31.40 43.33
N VAL A 130 -2.38 30.89 44.12
CA VAL A 130 -2.08 30.00 45.25
C VAL A 130 -2.91 28.74 45.07
N VAL A 131 -2.22 27.62 44.84
CA VAL A 131 -2.84 26.31 44.72
C VAL A 131 -2.43 25.51 45.95
N THR A 132 -3.38 24.87 46.61
CA THR A 132 -3.06 23.94 47.69
C THR A 132 -3.61 22.57 47.35
N LEU A 133 -2.79 21.56 47.54
CA LEU A 133 -3.14 20.19 47.22
C LEU A 133 -3.63 19.45 48.46
N LYS A 134 -4.31 18.33 48.23
CA LYS A 134 -4.79 17.50 49.33
C LYS A 134 -3.64 16.76 50.00
N THR A 135 -2.70 16.26 49.21
CA THR A 135 -1.48 15.58 49.60
C THR A 135 -0.39 16.02 48.63
N PRO A 136 0.88 16.04 49.05
CA PRO A 136 1.96 16.42 48.12
C PRO A 136 1.97 15.54 46.88
N ALA A 137 2.53 16.07 45.80
CA ALA A 137 2.61 15.33 44.54
C ALA A 137 3.63 16.01 43.65
N VAL A 138 4.81 15.39 43.49
CA VAL A 138 5.90 16.02 42.75
C VAL A 138 5.50 16.37 41.33
N ALA A 139 4.58 15.61 40.73
CA ALA A 139 4.24 15.82 39.33
C ALA A 139 3.49 17.12 39.08
N PHE A 140 3.01 17.79 40.13
CA PHE A 140 2.05 18.86 39.92
C PHE A 140 2.64 19.99 39.09
N LEU A 141 3.92 20.31 39.28
CA LEU A 141 4.49 21.42 38.52
C LEU A 141 4.72 21.02 37.06
N SER A 142 5.25 19.81 36.83
CA SER A 142 5.34 19.32 35.46
C SER A 142 3.99 19.28 34.79
N GLN A 143 2.92 19.05 35.58
CA GLN A 143 1.57 18.97 35.04
C GLN A 143 1.12 20.29 34.44
N LEU A 144 1.63 21.41 34.96
CA LEU A 144 1.18 22.72 34.53
C LEU A 144 1.78 23.17 33.19
N ALA A 145 2.65 22.36 32.61
CA ALA A 145 3.17 22.62 31.27
C ALA A 145 2.31 21.98 30.19
N SER A 146 1.38 21.10 30.56
CA SER A 146 0.56 20.45 29.55
C SER A 146 -0.39 21.46 28.92
N PRO A 147 -0.68 21.35 27.62
CA PRO A 147 -1.73 22.20 27.05
C PRO A 147 -3.10 21.96 27.67
N THR A 148 -3.26 20.86 28.40
CA THR A 148 -4.52 20.63 29.11
C THR A 148 -4.77 21.71 30.15
N VAL A 149 -3.72 22.32 30.69
CA VAL A 149 -3.87 23.41 31.65
C VAL A 149 -3.53 24.73 30.96
N SER A 150 -3.95 24.84 29.71
CA SER A 150 -3.93 26.14 29.03
C SER A 150 -4.81 27.13 29.78
N ILE A 151 -4.33 28.36 29.93
CA ILE A 151 -5.04 29.36 30.73
C ILE A 151 -6.11 30.02 29.85
N LEU A 152 -7.37 29.82 30.21
CA LEU A 152 -8.50 30.43 29.53
C LEU A 152 -9.00 31.65 30.30
N SER A 153 -9.83 32.45 29.65
CA SER A 153 -10.33 33.67 30.27
C SER A 153 -11.62 33.34 31.01
N GLU A 154 -11.59 33.49 32.34
CA GLU A 154 -12.78 33.22 33.13
C GLU A 154 -13.93 34.13 32.73
N LYS A 155 -13.66 35.43 32.58
CA LYS A 155 -14.72 36.39 32.27
C LYS A 155 -15.46 36.00 30.98
N ALA A 156 -14.71 35.70 29.91
CA ALA A 156 -15.36 35.42 28.64
C ALA A 156 -16.00 34.04 28.59
N MET A 157 -15.42 33.05 29.28
CA MET A 157 -16.07 31.75 29.38
C MET A 157 -17.41 31.89 30.11
N THR A 158 -17.41 32.65 31.21
CA THR A 158 -18.67 32.95 31.89
C THR A 158 -19.60 33.72 30.97
N LYS A 159 -19.05 34.62 30.16
CA LYS A 159 -19.87 35.46 29.28
C LYS A 159 -20.48 34.64 28.16
N MET A 160 -19.67 33.87 27.45
CA MET A 160 -20.16 33.14 26.27
C MET A 160 -20.76 31.79 26.61
N GLY A 161 -20.37 31.18 27.72
CA GLY A 161 -20.65 29.78 27.94
C GLY A 161 -19.59 28.90 27.31
N GLU A 162 -19.46 27.69 27.86
CA GLU A 162 -18.34 26.85 27.44
C GLU A 162 -18.55 26.22 26.07
N ASP A 163 -19.78 26.16 25.57
CA ASP A 163 -19.98 25.54 24.26
C ASP A 163 -19.55 26.48 23.14
N ALA A 164 -19.89 27.77 23.24
CA ALA A 164 -19.46 28.73 22.23
C ALA A 164 -17.99 29.08 22.39
N TYR A 165 -17.49 29.12 23.64
CA TYR A 165 -16.07 29.40 23.85
C TYR A 165 -15.20 28.36 23.16
N ALA A 166 -15.65 27.10 23.15
CA ALA A 166 -14.90 26.00 22.55
C ALA A 166 -14.82 26.09 21.04
N GLU A 167 -15.67 26.91 20.42
CA GLU A 167 -15.61 27.08 18.98
C GLU A 167 -14.99 28.39 18.54
N ASN A 168 -14.86 29.37 19.44
CA ASN A 168 -14.18 30.62 19.14
C ASN A 168 -13.64 31.19 20.44
N PRO A 169 -12.52 30.66 20.93
CA PRO A 169 -12.03 31.06 22.24
C PRO A 169 -11.37 32.43 22.27
N VAL A 170 -11.43 33.05 23.44
CA VAL A 170 -10.50 34.10 23.84
C VAL A 170 -9.24 33.39 24.31
N THR A 171 -8.09 33.73 23.72
CA THR A 171 -6.89 32.92 23.86
C THR A 171 -5.79 33.69 24.59
N SER A 172 -4.87 32.94 25.17
CA SER A 172 -3.76 33.52 25.92
C SER A 172 -2.42 33.34 25.22
N GLY A 173 -2.42 32.71 24.04
CA GLY A 173 -1.20 32.37 23.33
C GLY A 173 -1.05 33.04 21.98
N ALA A 174 -0.22 32.46 21.12
CA ALA A 174 0.26 33.19 19.95
C ALA A 174 -0.79 33.42 18.88
N PHE A 175 -1.87 32.63 18.86
CA PHE A 175 -2.84 32.66 17.76
C PHE A 175 -4.27 32.56 18.28
N THR A 176 -5.19 33.12 17.50
CA THR A 176 -6.62 32.92 17.71
C THR A 176 -7.17 32.03 16.61
N VAL A 177 -8.34 31.44 16.87
CA VAL A 177 -9.04 30.61 15.91
C VAL A 177 -9.87 31.53 15.01
N ASP A 178 -9.32 31.86 13.84
CA ASP A 178 -10.01 32.80 12.95
C ASP A 178 -11.19 32.15 12.25
N GLU A 179 -11.00 30.96 11.69
CA GLU A 179 -12.17 30.21 11.26
C GLU A 179 -11.83 28.73 11.26
N TRP A 180 -12.87 27.92 11.30
CA TRP A 180 -12.74 26.49 11.57
C TRP A 180 -13.76 25.78 10.69
N ARG A 181 -13.27 25.18 9.59
CA ARG A 181 -14.10 24.34 8.73
C ARG A 181 -13.95 22.92 9.22
N LYS A 182 -14.93 22.47 10.00
CA LYS A 182 -14.84 21.17 10.66
C LYS A 182 -14.62 20.06 9.64
N GLY A 183 -13.70 19.15 9.96
CA GLY A 183 -13.34 18.10 9.02
C GLY A 183 -12.47 18.53 7.87
N ASP A 184 -12.15 19.82 7.72
CA ASP A 184 -11.34 20.28 6.60
C ASP A 184 -10.11 21.06 7.05
N ARG A 185 -10.27 22.23 7.66
CA ARG A 185 -9.08 22.95 8.09
C ARG A 185 -9.41 23.89 9.24
N VAL A 186 -8.39 24.17 10.05
CA VAL A 186 -8.44 25.17 11.12
C VAL A 186 -7.48 26.30 10.77
N ILE A 187 -8.01 27.51 10.70
CA ILE A 187 -7.25 28.69 10.30
C ILE A 187 -7.05 29.56 11.54
N LEU A 188 -5.79 29.66 11.97
CA LEU A 188 -5.40 30.48 13.11
C LEU A 188 -4.76 31.77 12.61
N LYS A 189 -5.03 32.85 13.32
CA LYS A 189 -4.51 34.17 13.00
C LYS A 189 -3.60 34.63 14.12
N LYS A 190 -2.50 35.30 13.78
CA LYS A 190 -1.61 35.81 14.81
C LYS A 190 -2.40 36.65 15.82
N ASN A 191 -2.11 36.44 17.11
CA ASN A 191 -2.77 37.20 18.17
C ASN A 191 -1.88 38.36 18.59
N PRO A 192 -2.20 39.60 18.21
CA PRO A 192 -1.31 40.73 18.51
C PRO A 192 -1.22 41.07 19.99
N ASN A 193 -2.14 40.56 20.82
CA ASN A 193 -2.11 40.79 22.25
C ASN A 193 -1.27 39.77 23.02
N PHE A 194 -0.81 38.70 22.36
CA PHE A 194 0.09 37.74 22.98
C PHE A 194 1.31 38.45 23.56
N TRP A 195 1.70 38.08 24.79
CA TRP A 195 2.79 38.78 25.46
C TRP A 195 4.15 38.57 24.76
N GLN A 196 4.29 37.57 23.90
CA GLN A 196 5.47 37.46 23.03
C GLN A 196 5.12 37.66 21.56
N ALA A 197 4.09 38.46 21.29
CA ALA A 197 3.68 38.65 19.90
C ALA A 197 4.81 39.22 19.06
N LYS A 198 5.75 39.96 19.67
CA LYS A 198 6.87 40.52 18.93
C LYS A 198 7.75 39.44 18.32
N ASN A 199 7.78 38.26 18.96
CA ASN A 199 8.65 37.18 18.51
C ASN A 199 8.03 36.36 17.39
N VAL A 200 6.77 36.60 17.05
CA VAL A 200 6.00 35.69 16.22
C VAL A 200 6.01 36.24 14.80
N SER A 201 6.72 35.58 13.90
CA SER A 201 6.87 36.08 12.54
C SER A 201 5.62 35.79 11.69
N LEU A 202 5.00 34.62 11.88
CA LEU A 202 3.89 34.23 11.04
C LEU A 202 2.66 35.09 11.30
N ASP A 203 1.92 35.37 10.23
CA ASP A 203 0.63 36.02 10.34
C ASP A 203 -0.48 35.03 10.65
N GLY A 204 -0.28 33.75 10.38
CA GLY A 204 -1.34 32.78 10.55
C GLY A 204 -0.83 31.37 10.33
N VAL A 205 -1.65 30.41 10.71
CA VAL A 205 -1.35 29.00 10.55
C VAL A 205 -2.62 28.31 10.10
N GLU A 206 -2.49 27.36 9.15
CA GLU A 206 -3.61 26.53 8.76
C GLU A 206 -3.24 25.06 8.92
N TRP A 207 -3.99 24.35 9.75
CA TRP A 207 -3.95 22.89 9.88
C TRP A 207 -4.94 22.28 8.90
N VAL A 208 -4.45 21.62 7.86
CA VAL A 208 -5.27 21.06 6.81
C VAL A 208 -5.30 19.54 6.95
N SER A 209 -6.48 18.99 7.23
CA SER A 209 -6.63 17.53 7.37
C SER A 209 -6.52 16.84 6.02
N VAL A 210 -5.50 15.99 5.86
CA VAL A 210 -5.27 15.21 4.65
C VAL A 210 -5.02 13.79 5.10
N THR A 211 -6.07 12.95 5.08
CA THR A 211 -6.03 11.65 5.78
C THR A 211 -5.30 10.57 5.00
N ASP A 212 -4.86 10.84 3.77
CA ASP A 212 -4.06 9.89 3.01
C ASP A 212 -2.60 10.35 3.04
N ASP A 213 -1.71 9.45 3.50
CA ASP A 213 -0.32 9.82 3.74
C ASP A 213 0.36 10.31 2.46
N ASN A 214 0.22 9.55 1.38
CA ASN A 214 0.91 9.91 0.14
C ASN A 214 0.37 11.22 -0.43
N THR A 215 -0.95 11.39 -0.40
CA THR A 215 -1.55 12.64 -0.84
C THR A 215 -0.99 13.82 -0.04
N ARG A 216 -0.87 13.68 1.28
CA ARG A 216 -0.29 14.74 2.11
C ARG A 216 1.15 15.05 1.66
N MET A 217 1.94 14.01 1.38
CA MET A 217 3.32 14.20 0.95
C MET A 217 3.40 14.88 -0.42
N ARG A 218 2.60 14.40 -1.38
CA ARG A 218 2.59 15.03 -2.71
C ARG A 218 2.25 16.51 -2.61
N MET A 219 1.29 16.87 -1.74
CA MET A 219 0.88 18.27 -1.60
C MET A 219 2.04 19.15 -1.11
N VAL A 220 2.86 18.64 -0.20
CA VAL A 220 4.03 19.41 0.22
C VAL A 220 4.98 19.59 -0.97
N GLN A 221 5.24 18.50 -1.70
CA GLN A 221 6.19 18.56 -2.80
C GLN A 221 5.69 19.39 -3.96
N ASN A 222 4.37 19.56 -4.08
CA ASN A 222 3.80 20.39 -5.13
C ASN A 222 3.54 21.81 -4.67
N ASN A 223 4.03 22.19 -3.49
CA ASN A 223 3.83 23.53 -2.94
C ASN A 223 2.35 23.85 -2.70
N GLU A 224 1.54 22.83 -2.38
CA GLU A 224 0.15 23.07 -1.98
C GLU A 224 0.01 23.14 -0.46
N LEU A 225 1.07 22.74 0.26
CA LEU A 225 1.24 22.85 1.70
C LEU A 225 2.69 23.22 1.96
N ASP A 226 2.93 24.09 2.95
CA ASP A 226 4.28 24.42 3.36
C ASP A 226 4.95 23.27 4.12
N THR A 227 4.16 22.59 4.96
CA THR A 227 4.66 21.53 5.83
C THR A 227 3.60 20.45 5.94
N ALA A 228 3.99 19.32 6.52
CA ALA A 228 3.03 18.28 6.89
C ALA A 228 3.64 17.48 8.04
N ILE A 229 2.77 16.83 8.81
CA ILE A 229 3.22 15.90 9.87
C ILE A 229 2.98 14.47 9.39
N PHE A 230 3.60 13.52 10.09
CA PHE A 230 3.41 12.08 9.84
C PHE A 230 3.87 11.70 8.43
N VAL A 231 5.17 11.87 8.19
CA VAL A 231 5.78 11.34 6.96
C VAL A 231 5.69 9.82 6.97
N PRO A 232 5.15 9.19 5.94
CA PRO A 232 5.05 7.72 5.97
C PRO A 232 6.43 7.10 5.91
N PHE A 233 6.65 6.05 6.72
CA PHE A 233 8.00 5.52 6.86
C PHE A 233 8.60 5.10 5.51
N SER A 234 7.79 4.62 4.57
CA SER A 234 8.35 4.11 3.32
C SER A 234 9.07 5.19 2.52
N ARG A 235 8.71 6.46 2.72
CA ARG A 235 9.25 7.55 1.92
C ARG A 235 10.32 8.37 2.63
N VAL A 236 10.64 8.08 3.89
CA VAL A 236 11.61 8.91 4.62
C VAL A 236 12.95 8.95 3.88
N GLU A 237 13.43 7.80 3.41
CA GLU A 237 14.73 7.74 2.76
C GLU A 237 14.76 8.55 1.45
N GLU A 238 13.77 8.35 0.56
CA GLU A 238 13.79 9.09 -0.69
C GLU A 238 13.57 10.60 -0.46
N LEU A 239 12.73 10.96 0.52
CA LEU A 239 12.48 12.39 0.78
C LEU A 239 13.69 13.07 1.41
N LYS A 240 14.54 12.31 2.10
CA LYS A 240 15.76 12.90 2.66
C LYS A 240 16.71 13.34 1.54
N LYS A 241 16.63 12.71 0.38
CA LYS A 241 17.44 13.07 -0.78
C LYS A 241 16.79 14.15 -1.64
N ASP A 242 15.59 14.61 -1.32
CA ASP A 242 14.90 15.61 -2.14
C ASP A 242 15.33 17.00 -1.70
N LYS A 243 15.89 17.78 -2.63
CA LYS A 243 16.49 19.06 -2.27
C LYS A 243 15.46 20.14 -1.93
N ASN A 244 14.21 20.01 -2.38
CA ASN A 244 13.23 21.05 -2.11
C ASN A 244 12.56 20.95 -0.75
N VAL A 245 12.80 19.88 0.01
CA VAL A 245 12.12 19.67 1.28
C VAL A 245 13.16 19.28 2.34
N VAL A 246 12.73 19.34 3.60
CA VAL A 246 13.56 18.96 4.74
C VAL A 246 12.77 17.97 5.57
N ILE A 247 13.31 16.77 5.75
CA ILE A 247 12.72 15.82 6.68
C ILE A 247 13.26 16.12 8.08
N HIS A 248 12.36 16.31 9.03
CA HIS A 248 12.70 16.48 10.44
C HIS A 248 12.51 15.15 11.15
N SER A 249 13.49 14.76 11.97
CA SER A 249 13.40 13.54 12.76
C SER A 249 13.69 13.96 14.19
N ASP A 250 12.63 14.40 14.90
CA ASP A 250 12.74 15.07 16.19
C ASP A 250 12.57 14.08 17.34
N PRO A 251 13.39 14.19 18.38
CA PRO A 251 13.25 13.29 19.53
C PRO A 251 11.86 13.39 20.13
N SER A 252 11.29 12.24 20.51
CA SER A 252 9.89 12.13 20.84
C SER A 252 9.67 11.34 22.13
N THR A 253 8.44 11.41 22.61
CA THR A 253 7.90 10.53 23.65
C THR A 253 6.87 9.59 23.06
N ARG A 254 6.95 9.33 21.75
CA ARG A 254 5.93 8.59 21.04
C ARG A 254 6.10 7.08 21.19
N GLU A 255 4.98 6.39 21.38
CA GLU A 255 4.94 4.93 21.29
C GLU A 255 3.68 4.50 20.54
N ASP A 256 3.83 3.55 19.61
CA ASP A 256 2.67 2.92 18.97
C ASP A 256 2.42 1.55 19.60
N HIS A 257 1.15 1.15 19.64
CA HIS A 257 0.73 -0.06 20.34
C HIS A 257 -0.52 -0.64 19.68
N LEU A 258 -0.76 -1.95 19.89
CA LEU A 258 -1.99 -2.61 19.46
C LEU A 258 -2.96 -2.68 20.65
N LEU A 259 -4.02 -1.87 20.60
CA LEU A 259 -5.09 -1.97 21.59
C LEU A 259 -5.81 -3.31 21.50
N ILE A 260 -6.29 -3.80 22.65
CA ILE A 260 -7.14 -4.99 22.77
C ILE A 260 -8.34 -4.61 23.61
N ASN A 261 -9.54 -4.91 23.11
CA ASN A 261 -10.76 -4.63 23.87
C ASN A 261 -11.00 -5.79 24.82
N HIS A 262 -10.65 -5.59 26.10
CA HIS A 262 -10.75 -6.66 27.09
C HIS A 262 -12.18 -7.01 27.43
N GLU A 263 -13.13 -6.13 27.10
CA GLU A 263 -14.55 -6.40 27.32
C GLU A 263 -15.12 -7.42 26.33
N HIS A 264 -14.39 -7.75 25.26
CA HIS A 264 -14.97 -8.51 24.16
C HIS A 264 -14.70 -10.00 24.33
N GLY A 265 -15.52 -10.64 25.17
CA GLY A 265 -15.49 -12.09 25.23
C GLY A 265 -14.18 -12.66 25.75
N LEU A 266 -13.65 -13.65 25.02
CA LEU A 266 -12.42 -14.36 25.39
C LEU A 266 -11.19 -13.46 25.47
N LEU A 267 -11.25 -12.24 24.92
CA LEU A 267 -10.16 -11.30 25.11
C LEU A 267 -10.01 -10.84 26.56
N ALA A 268 -10.97 -11.17 27.44
CA ALA A 268 -10.84 -10.92 28.87
C ALA A 268 -9.83 -11.85 29.53
N LYS A 269 -9.56 -13.00 28.93
CA LYS A 269 -8.64 -13.96 29.54
C LYS A 269 -7.20 -13.53 29.30
N PRO A 270 -6.40 -13.30 30.36
CA PRO A 270 -4.99 -12.94 30.15
C PRO A 270 -4.26 -13.90 29.23
N GLU A 271 -4.60 -15.19 29.28
CA GLU A 271 -3.91 -16.19 28.44
C GLU A 271 -4.15 -15.93 26.96
N VAL A 272 -5.35 -15.51 26.58
CA VAL A 272 -5.62 -15.20 25.17
C VAL A 272 -4.79 -14.00 24.73
N ARG A 273 -4.72 -12.96 25.56
CA ARG A 273 -3.90 -11.81 25.19
C ARG A 273 -2.42 -12.16 25.17
N GLN A 274 -1.98 -13.00 26.11
CA GLN A 274 -0.59 -13.44 26.09
C GLN A 274 -0.29 -14.24 24.82
N ALA A 275 -1.24 -15.07 24.40
CA ALA A 275 -1.10 -15.83 23.16
C ALA A 275 -0.93 -14.91 21.96
N LEU A 276 -1.75 -13.84 21.88
CA LEU A 276 -1.58 -12.89 20.79
C LEU A 276 -0.19 -12.26 20.81
N ASP A 277 0.31 -11.92 22.00
CA ASP A 277 1.63 -11.30 22.14
C ASP A 277 2.72 -12.22 21.62
N MET A 278 2.63 -13.51 21.95
CA MET A 278 3.63 -14.51 21.53
C MET A 278 3.50 -14.90 20.07
N ALA A 279 2.40 -14.54 19.40
CA ALA A 279 2.21 -14.89 18.01
C ALA A 279 2.56 -13.74 17.07
N ILE A 280 2.98 -12.60 17.58
CA ILE A 280 3.34 -11.45 16.77
C ILE A 280 4.84 -11.23 16.94
N ASP A 281 5.57 -11.27 15.84
CA ASP A 281 7.04 -11.17 15.83
C ASP A 281 7.35 -9.68 15.79
N LYS A 282 7.73 -9.10 16.94
CA LYS A 282 7.85 -7.66 17.05
C LYS A 282 8.99 -7.13 16.19
N GLN A 283 10.16 -7.75 16.27
CA GLN A 283 11.32 -7.27 15.52
C GLN A 283 11.04 -7.24 14.03
N SER A 284 10.50 -8.34 13.50
CA SER A 284 10.16 -8.39 12.08
C SER A 284 9.11 -7.35 11.72
N LEU A 285 8.08 -7.20 12.56
CA LEU A 285 7.02 -6.25 12.28
C LEU A 285 7.55 -4.81 12.23
N VAL A 286 8.35 -4.43 13.23
CA VAL A 286 8.81 -3.06 13.32
C VAL A 286 9.84 -2.76 12.22
N LYS A 287 10.63 -3.75 11.83
CA LYS A 287 11.62 -3.48 10.80
C LYS A 287 10.98 -3.32 9.43
N THR A 288 10.03 -4.21 9.11
CA THR A 288 9.30 -4.12 7.85
C THR A 288 8.44 -2.88 7.79
N ALA A 289 7.57 -2.68 8.78
CA ALA A 289 6.57 -1.63 8.67
C ALA A 289 7.14 -0.23 8.92
N THR A 290 8.20 -0.08 9.71
CA THR A 290 8.77 1.24 9.94
C THR A 290 10.04 1.48 9.14
N TYR A 291 10.42 0.55 8.28
CA TYR A 291 11.56 0.75 7.39
C TYR A 291 12.81 1.10 8.20
N GLY A 292 12.96 0.42 9.35
CA GLY A 292 14.08 0.66 10.24
C GLY A 292 14.04 1.92 11.07
N GLN A 293 12.95 2.70 11.01
CA GLN A 293 12.88 3.93 11.79
C GLN A 293 12.41 3.71 13.22
N GLY A 294 11.71 2.61 13.47
CA GLY A 294 11.19 2.35 14.80
C GLY A 294 12.16 1.51 15.62
N THR A 295 11.96 1.58 16.93
CA THR A 295 12.66 0.81 17.94
C THR A 295 11.64 -0.08 18.64
N VAL A 296 11.83 -1.41 18.61
CA VAL A 296 10.88 -2.31 19.24
C VAL A 296 10.58 -1.83 20.66
N ALA A 297 9.29 -1.85 21.02
CA ALA A 297 8.83 -1.35 22.30
C ALA A 297 8.46 -2.52 23.20
N TYR A 298 8.81 -2.39 24.50
CA TYR A 298 8.60 -3.45 25.48
C TYR A 298 8.00 -2.93 26.79
N SER A 299 7.66 -1.64 26.88
CA SER A 299 7.03 -1.04 28.04
C SER A 299 6.11 0.06 27.59
N TYR A 300 5.05 0.32 28.35
CA TYR A 300 4.16 1.45 28.04
C TYR A 300 4.81 2.80 28.32
N ILE A 301 5.87 2.85 29.12
CA ILE A 301 6.61 4.11 29.29
C ILE A 301 7.63 4.26 28.16
N PRO A 302 7.62 5.36 27.40
CA PRO A 302 8.56 5.46 26.27
C PRO A 302 10.01 5.44 26.73
N LYS A 303 10.84 4.72 25.97
CA LYS A 303 12.28 4.70 26.22
C LYS A 303 12.83 6.12 26.22
N GLY A 304 13.72 6.39 27.17
CA GLY A 304 14.26 7.71 27.36
C GLY A 304 13.47 8.62 28.28
N SER A 305 12.23 8.27 28.62
CA SER A 305 11.43 9.08 29.53
C SER A 305 11.56 8.55 30.96
N LEU A 306 11.13 9.37 31.92
CA LEU A 306 11.40 9.11 33.33
C LEU A 306 10.81 7.78 33.76
N TYR A 307 11.66 6.95 34.37
CA TYR A 307 11.34 5.67 35.01
C TYR A 307 11.15 4.55 34.00
N HIS A 308 11.45 4.80 32.72
CA HIS A 308 11.40 3.73 31.73
C HIS A 308 12.26 2.57 32.20
N TYR A 309 11.72 1.36 32.10
CA TYR A 309 12.35 0.16 32.63
C TYR A 309 12.87 -0.66 31.47
N ALA A 310 14.19 -0.67 31.29
CA ALA A 310 14.78 -1.18 30.06
C ALA A 310 14.73 -2.70 29.96
N ASN A 311 14.54 -3.41 31.06
CA ASN A 311 14.57 -4.88 31.02
C ASN A 311 13.18 -5.49 31.20
N ASN A 312 12.15 -4.73 30.85
CA ASN A 312 10.80 -5.28 30.87
C ASN A 312 10.69 -6.49 29.95
N LEU A 313 9.78 -7.39 30.31
CA LEU A 313 9.62 -8.65 29.62
C LEU A 313 9.33 -8.43 28.13
N GLN A 314 10.07 -9.14 27.27
CA GLN A 314 9.73 -9.29 25.86
C GLN A 314 9.45 -10.75 25.60
N ARG A 315 8.18 -11.10 25.38
CA ARG A 315 7.84 -12.49 25.11
C ARG A 315 8.40 -12.92 23.76
N PRO A 316 9.32 -13.89 23.72
CA PRO A 316 9.87 -14.31 22.42
C PRO A 316 8.76 -14.87 21.54
N TYR A 317 8.93 -14.73 20.22
CA TYR A 317 8.00 -15.33 19.28
C TYR A 317 7.89 -16.82 19.54
N ASP A 318 6.66 -17.32 19.77
CA ASP A 318 6.49 -18.72 20.11
C ASP A 318 5.10 -19.20 19.72
N PRO A 319 4.89 -19.52 18.44
CA PRO A 319 3.53 -19.84 17.99
C PRO A 319 3.03 -21.16 18.56
N ALA A 320 3.92 -22.10 18.86
CA ALA A 320 3.48 -23.36 19.46
C ALA A 320 2.81 -23.12 20.81
N ALA A 321 3.45 -22.31 21.65
CA ALA A 321 2.87 -21.97 22.95
C ALA A 321 1.63 -21.08 22.81
N ALA A 322 1.59 -20.22 21.78
CA ALA A 322 0.38 -19.44 21.55
C ALA A 322 -0.81 -20.35 21.21
N LYS A 323 -0.56 -21.37 20.39
CA LYS A 323 -1.62 -22.30 20.01
C LYS A 323 -2.16 -23.03 21.24
N LYS A 324 -1.27 -23.42 22.17
CA LYS A 324 -1.72 -24.17 23.33
C LYS A 324 -2.46 -23.28 24.32
N LEU A 325 -1.98 -22.06 24.52
CA LEU A 325 -2.68 -21.09 25.36
C LEU A 325 -4.08 -20.86 24.84
N LEU A 326 -4.22 -20.60 23.53
CA LEU A 326 -5.55 -20.40 22.96
C LEU A 326 -6.43 -21.64 23.12
N ALA A 327 -5.87 -22.83 22.86
CA ALA A 327 -6.64 -24.06 23.02
C ALA A 327 -7.07 -24.28 24.46
N ASP A 328 -6.14 -24.09 25.41
CA ASP A 328 -6.52 -24.25 26.81
C ASP A 328 -7.61 -23.27 27.22
N ALA A 329 -7.72 -22.13 26.54
CA ALA A 329 -8.64 -21.06 26.91
C ALA A 329 -9.97 -21.11 26.17
N GLY A 330 -10.19 -22.09 25.31
CA GLY A 330 -11.43 -22.13 24.55
C GLY A 330 -11.46 -21.23 23.34
N ALA A 331 -10.31 -20.70 22.91
CA ALA A 331 -10.26 -19.67 21.87
C ALA A 331 -9.52 -20.14 20.62
N LYS A 332 -9.62 -21.43 20.28
CA LYS A 332 -8.85 -21.94 19.15
C LYS A 332 -9.22 -21.23 17.85
N ASP A 333 -10.52 -21.05 17.61
CA ASP A 333 -11.00 -20.49 16.35
C ASP A 333 -11.25 -18.99 16.46
N LEU A 334 -10.38 -18.27 17.16
CA LEU A 334 -10.65 -16.88 17.50
C LEU A 334 -10.70 -16.02 16.26
N LYS A 335 -11.77 -15.23 16.11
CA LYS A 335 -11.91 -14.27 15.04
C LYS A 335 -11.98 -12.86 15.62
N LEU A 336 -11.25 -11.93 15.00
CA LEU A 336 -11.01 -10.62 15.60
C LEU A 336 -11.43 -9.53 14.63
N ASN A 337 -12.14 -8.54 15.15
CA ASN A 337 -12.49 -7.35 14.38
C ASN A 337 -11.35 -6.35 14.54
N TYR A 338 -10.51 -6.24 13.50
CA TYR A 338 -9.31 -5.41 13.51
C TYR A 338 -9.61 -4.10 12.78
N VAL A 339 -9.81 -3.01 13.53
CA VAL A 339 -10.09 -1.69 12.96
C VAL A 339 -8.78 -1.06 12.45
N VAL A 340 -8.79 -0.66 11.18
CA VAL A 340 -7.60 -0.17 10.46
C VAL A 340 -7.90 1.23 9.93
N ASN A 341 -6.98 2.18 10.14
CA ASN A 341 -7.14 3.53 9.60
C ASN A 341 -6.62 3.56 8.15
N ALA A 342 -7.55 3.70 7.21
CA ALA A 342 -7.18 3.72 5.79
C ALA A 342 -6.43 4.99 5.44
N GLY A 343 -5.35 4.84 4.65
CA GLY A 343 -4.52 5.97 4.31
C GLY A 343 -3.38 6.23 5.27
N ASN A 344 -3.35 5.51 6.40
CA ASN A 344 -2.22 5.50 7.33
C ASN A 344 -1.35 4.32 6.94
N GLU A 345 -0.25 4.60 6.22
CA GLU A 345 0.58 3.54 5.66
C GLU A 345 1.04 2.55 6.73
N ALA A 346 1.58 3.05 7.85
CA ALA A 346 2.03 2.14 8.90
C ALA A 346 0.89 1.27 9.40
N ASP A 347 -0.27 1.90 9.68
CA ASP A 347 -1.45 1.19 10.15
C ASP A 347 -1.85 0.09 9.17
N GLU A 348 -1.85 0.37 7.89
CA GLU A 348 -2.20 -0.60 6.91
C GLU A 348 -1.16 -1.73 6.80
N GLN A 349 0.11 -1.38 6.76
CA GLN A 349 1.16 -2.37 6.66
C GLN A 349 1.18 -3.27 7.87
N ILE A 350 1.02 -2.69 9.02
CA ILE A 350 1.05 -3.44 10.24
C ILE A 350 -0.10 -4.42 10.27
N ALA A 351 -1.26 -4.00 9.80
CA ALA A 351 -2.43 -4.87 9.83
C ALA A 351 -2.22 -6.09 8.95
N VAL A 352 -1.59 -5.92 7.78
CA VAL A 352 -1.34 -7.06 6.93
C VAL A 352 -0.37 -8.03 7.60
N ILE A 353 0.66 -7.50 8.26
CA ILE A 353 1.64 -8.37 8.91
C ILE A 353 0.98 -9.11 10.06
N ILE A 354 0.24 -8.39 10.90
CA ILE A 354 -0.40 -9.04 12.06
C ILE A 354 -1.40 -10.08 11.59
N LYS A 355 -2.21 -9.75 10.57
CA LYS A 355 -3.14 -10.73 10.02
C LYS A 355 -2.41 -11.98 9.54
N ASP A 356 -1.33 -11.79 8.78
CA ASP A 356 -0.59 -12.94 8.25
C ASP A 356 0.00 -13.76 9.38
N GLN A 357 0.55 -13.10 10.42
CA GLN A 357 1.19 -13.84 11.51
C GLN A 357 0.16 -14.53 12.40
N LEU A 358 -0.94 -13.83 12.74
CA LEU A 358 -1.97 -14.46 13.56
C LEU A 358 -2.57 -15.68 12.88
N ALA A 359 -2.62 -15.67 11.54
CA ALA A 359 -3.18 -16.81 10.81
C ALA A 359 -2.36 -18.07 11.00
N LYS A 360 -1.06 -17.92 11.29
CA LYS A 360 -0.23 -19.09 11.58
C LYS A 360 -0.59 -19.79 12.89
N VAL A 361 -1.29 -19.14 13.82
CA VAL A 361 -1.70 -19.81 15.06
C VAL A 361 -3.22 -20.03 15.09
N GLY A 362 -3.87 -19.98 13.94
CA GLY A 362 -5.28 -20.31 13.85
C GLY A 362 -6.21 -19.15 14.17
N VAL A 363 -5.69 -17.93 14.23
CA VAL A 363 -6.49 -16.76 14.58
C VAL A 363 -6.74 -15.97 13.30
N THR A 364 -7.98 -15.51 13.13
CA THR A 364 -8.38 -14.78 11.94
C THR A 364 -8.62 -13.33 12.31
N ALA A 365 -7.80 -12.43 11.76
CA ALA A 365 -8.02 -11.00 11.94
C ALA A 365 -8.71 -10.49 10.69
N ASN A 366 -9.93 -10.00 10.86
CA ASN A 366 -10.71 -9.44 9.77
C ASN A 366 -10.55 -7.93 9.79
N LEU A 367 -9.97 -7.38 8.73
CA LEU A 367 -9.62 -5.96 8.73
C LEU A 367 -10.85 -5.14 8.37
N GLN A 368 -11.18 -4.18 9.19
CA GLN A 368 -12.21 -3.19 8.88
C GLN A 368 -11.51 -1.85 8.68
N LYS A 369 -11.48 -1.37 7.45
CA LYS A 369 -10.75 -0.14 7.12
C LYS A 369 -11.71 1.03 7.24
N VAL A 370 -11.30 2.06 7.98
CA VAL A 370 -12.18 3.17 8.29
C VAL A 370 -11.44 4.48 8.03
N ASP A 371 -12.22 5.55 7.98
CA ASP A 371 -11.72 6.92 7.96
C ASP A 371 -10.89 7.19 9.22
N PRO A 372 -9.62 7.59 9.07
CA PRO A 372 -8.78 7.81 10.26
C PRO A 372 -9.36 8.80 11.24
N THR A 373 -10.18 9.75 10.79
CA THR A 373 -10.78 10.69 11.73
C THR A 373 -11.90 10.08 12.57
N GLN A 374 -12.37 8.88 12.21
CA GLN A 374 -13.55 8.26 12.82
C GLN A 374 -13.21 7.15 13.80
N SER A 375 -11.98 6.65 13.79
CA SER A 375 -11.67 5.44 14.55
C SER A 375 -11.64 5.69 16.04
N TRP A 376 -11.24 6.89 16.49
CA TRP A 376 -11.14 7.14 17.92
C TRP A 376 -12.49 6.92 18.59
N GLN A 377 -13.55 7.45 18.00
CA GLN A 377 -14.88 7.25 18.55
C GLN A 377 -15.27 5.77 18.58
N MET A 378 -14.79 4.98 17.62
CA MET A 378 -15.01 3.55 17.68
C MET A 378 -14.25 2.91 18.85
N LEU A 379 -13.07 3.44 19.17
CA LEU A 379 -12.38 2.96 20.37
C LEU A 379 -13.19 3.32 21.61
N VAL A 380 -13.66 4.55 21.70
CA VAL A 380 -14.45 4.97 22.86
C VAL A 380 -15.71 4.12 23.00
N ASP A 381 -16.41 3.84 21.90
CA ASP A 381 -17.63 3.04 21.95
C ASP A 381 -17.37 1.55 22.07
N GLY A 382 -16.12 1.11 21.94
CA GLY A 382 -15.84 -0.29 22.08
C GLY A 382 -16.12 -1.14 20.87
N THR A 383 -16.35 -0.53 19.71
CA THR A 383 -16.70 -1.30 18.52
C THR A 383 -15.44 -1.72 17.76
N TYR A 384 -14.60 -2.49 18.46
CA TYR A 384 -13.34 -3.00 17.90
C TYR A 384 -12.89 -4.15 18.79
N ASP A 385 -12.15 -5.09 18.19
CA ASP A 385 -11.45 -6.07 19.00
C ASP A 385 -9.99 -5.69 19.18
N ILE A 386 -9.30 -5.34 18.07
CA ILE A 386 -7.92 -4.83 18.11
C ILE A 386 -7.80 -3.68 17.12
N SER A 387 -6.85 -2.78 17.40
CA SER A 387 -6.61 -1.59 16.60
C SER A 387 -5.35 -0.93 17.11
N VAL A 388 -4.52 -0.46 16.19
CA VAL A 388 -3.29 0.21 16.54
C VAL A 388 -3.55 1.69 16.83
N MET A 389 -2.90 2.21 17.86
CA MET A 389 -3.00 3.62 18.20
C MET A 389 -1.67 4.06 18.83
N TYR A 390 -1.56 5.33 19.15
CA TYR A 390 -0.34 5.81 19.75
C TYR A 390 -0.57 6.84 20.87
N TRP A 391 0.51 7.15 21.58
CA TRP A 391 0.51 8.14 22.63
C TRP A 391 1.81 8.92 22.71
N THR A 392 1.68 10.19 22.93
CA THR A 392 2.80 11.05 23.24
C THR A 392 2.55 11.73 24.59
N ASN A 393 3.57 11.86 25.42
CA ASN A 393 3.43 12.70 26.60
C ASN A 393 3.49 14.16 26.22
N ASP A 394 2.78 15.01 26.97
CA ASP A 394 3.08 16.43 26.90
C ASP A 394 3.44 17.03 28.26
N ILE A 395 3.83 16.19 29.23
CA ILE A 395 4.52 16.65 30.44
C ILE A 395 5.70 15.73 30.72
N LEU A 396 6.61 16.21 31.56
CA LEU A 396 7.79 15.46 31.94
C LEU A 396 7.55 14.55 33.14
N ASP A 397 6.48 13.73 33.11
CA ASP A 397 6.23 12.83 34.23
C ASP A 397 5.40 11.65 33.79
N PRO A 398 5.66 10.45 34.32
CA PRO A 398 4.89 9.25 33.91
C PRO A 398 3.44 9.24 34.35
N ASP A 399 3.02 10.15 35.23
CA ASP A 399 1.66 10.07 35.76
C ASP A 399 0.61 10.32 34.68
N GLN A 400 0.94 11.11 33.65
CA GLN A 400 -0.07 11.41 32.64
C GLN A 400 -0.43 10.18 31.83
N LYS A 401 0.56 9.50 31.26
CA LYS A 401 0.27 8.29 30.50
C LYS A 401 -0.22 7.17 31.40
N THR A 402 0.42 7.00 32.55
CA THR A 402 -0.01 5.96 33.48
C THR A 402 -1.50 6.09 33.81
N THR A 403 -1.95 7.31 34.09
CA THR A 403 -3.36 7.48 34.47
C THR A 403 -4.28 7.18 33.30
N PHE A 404 -3.96 7.71 32.11
CA PHE A 404 -4.79 7.47 30.95
C PHE A 404 -4.81 5.99 30.57
N VAL A 405 -3.64 5.32 30.63
CA VAL A 405 -3.53 3.94 30.15
C VAL A 405 -3.86 2.90 31.22
N LEU A 406 -3.52 3.17 32.48
CA LEU A 406 -3.69 2.18 33.54
C LEU A 406 -4.52 2.65 34.75
N GLY A 407 -4.93 3.91 34.80
CA GLY A 407 -5.58 4.50 35.95
C GLY A 407 -7.01 4.09 36.22
N HIS A 408 -7.63 3.32 35.34
CA HIS A 408 -9.05 2.98 35.45
C HIS A 408 -9.91 4.23 35.61
N ASP A 409 -9.57 5.30 34.86
CA ASP A 409 -10.37 6.51 34.98
C ASP A 409 -11.43 6.52 33.86
N THR A 410 -12.01 7.68 33.56
CA THR A 410 -13.10 7.72 32.59
C THR A 410 -12.68 7.24 31.20
N ASN A 411 -11.38 7.22 30.92
CA ASN A 411 -10.88 6.85 29.61
C ASN A 411 -10.79 5.35 29.42
N GLN A 412 -11.05 4.58 30.48
CA GLN A 412 -11.13 3.11 30.43
C GLN A 412 -9.83 2.48 29.95
N ASN A 413 -8.71 3.04 30.37
CA ASN A 413 -7.38 2.48 30.12
C ASN A 413 -7.07 2.43 28.62
N TYR A 414 -6.97 3.63 28.06
CA TYR A 414 -6.93 3.80 26.62
C TYR A 414 -7.99 2.92 25.97
N MET A 415 -9.20 2.98 26.52
CA MET A 415 -10.38 2.36 25.90
C MET A 415 -10.25 0.86 25.73
N THR A 416 -9.28 0.22 26.41
CA THR A 416 -9.16 -1.23 26.44
C THR A 416 -10.14 -1.89 27.40
N ARG A 417 -10.66 -1.15 28.38
CA ARG A 417 -11.43 -1.71 29.49
C ARG A 417 -10.61 -2.72 30.30
N TYR A 418 -9.29 -2.65 30.21
CA TYR A 418 -8.43 -3.47 31.07
C TYR A 418 -8.77 -3.21 32.53
N LYS A 419 -8.87 -4.28 33.33
CA LYS A 419 -9.15 -4.16 34.76
C LYS A 419 -8.20 -5.01 35.58
N ASN A 420 -7.47 -4.36 36.49
CA ASN A 420 -6.61 -5.03 37.46
C ASN A 420 -6.62 -4.17 38.72
N ASP A 421 -7.19 -4.69 39.82
CA ASP A 421 -7.34 -3.88 41.03
C ASP A 421 -5.99 -3.48 41.61
N GLN A 422 -5.00 -4.37 41.52
CA GLN A 422 -3.67 -4.02 42.03
C GLN A 422 -3.08 -2.86 41.26
N VAL A 423 -3.29 -2.84 39.94
CA VAL A 423 -2.78 -1.74 39.14
C VAL A 423 -3.50 -0.44 39.49
N LYS A 424 -4.83 -0.47 39.57
CA LYS A 424 -5.57 0.76 39.83
C LYS A 424 -5.09 1.43 41.13
N ALA A 425 -4.91 0.65 42.19
CA ALA A 425 -4.37 1.19 43.44
C ALA A 425 -2.93 1.66 43.28
N LEU A 426 -2.12 0.89 42.55
CA LEU A 426 -0.72 1.25 42.40
C LEU A 426 -0.55 2.57 41.68
N VAL A 427 -1.39 2.82 40.66
CA VAL A 427 -1.30 4.08 39.92
C VAL A 427 -1.55 5.25 40.86
N ALA A 428 -2.55 5.14 41.73
CA ALA A 428 -2.85 6.24 42.64
C ALA A 428 -1.75 6.42 43.67
N ALA A 429 -1.22 5.32 44.19
CA ALA A 429 -0.12 5.39 45.14
C ALA A 429 1.10 6.06 44.54
N ALA A 430 1.51 5.62 43.33
CA ALA A 430 2.72 6.16 42.71
C ALA A 430 2.61 7.64 42.46
N ARG A 431 1.39 8.13 42.21
CA ARG A 431 1.19 9.55 41.99
C ARG A 431 1.64 10.37 43.20
N ILE A 432 1.24 9.96 44.40
CA ILE A 432 1.49 10.72 45.61
C ILE A 432 2.68 10.20 46.41
N GLU A 433 3.47 9.29 45.85
CA GLU A 433 4.64 8.80 46.55
C GLU A 433 5.68 9.90 46.66
N ALA A 434 6.14 10.17 47.90
CA ALA A 434 7.07 11.25 48.19
C ALA A 434 8.53 10.83 48.02
N ASP A 435 8.85 9.60 48.39
CA ASP A 435 10.20 9.10 48.22
C ASP A 435 10.46 8.87 46.73
N PRO A 436 11.35 9.63 46.09
CA PRO A 436 11.58 9.43 44.65
C PRO A 436 12.09 8.05 44.31
N ALA A 437 12.90 7.45 45.19
CA ALA A 437 13.41 6.11 44.92
C ALA A 437 12.30 5.06 44.99
N LYS A 438 11.33 5.26 45.88
CA LYS A 438 10.21 4.34 45.89
C LYS A 438 9.22 4.65 44.77
N ARG A 439 9.06 5.93 44.41
CA ARG A 439 8.22 6.27 43.27
C ARG A 439 8.70 5.56 42.02
N GLU A 440 10.01 5.58 41.78
CA GLU A 440 10.57 4.90 40.62
C GLU A 440 10.23 3.42 40.63
N GLN A 441 10.39 2.76 41.79
CA GLN A 441 10.09 1.33 41.89
C GLN A 441 8.62 1.03 41.61
N MET A 442 7.74 1.97 41.95
CA MET A 442 6.31 1.78 41.72
C MET A 442 5.97 1.86 40.22
N TYR A 443 6.66 2.74 39.48
CA TYR A 443 6.46 2.81 38.04
C TYR A 443 7.12 1.65 37.32
N ILE A 444 8.19 1.10 37.89
CA ILE A 444 8.76 -0.13 37.36
C ILE A 444 7.75 -1.27 37.52
N ASP A 445 7.20 -1.42 38.73
CA ASP A 445 6.20 -2.47 38.94
C ASP A 445 4.98 -2.26 38.04
N LEU A 446 4.62 -1.02 37.76
CA LEU A 446 3.47 -0.80 36.88
C LEU A 446 3.77 -1.25 35.45
N GLN A 447 4.98 -0.98 34.98
CA GLN A 447 5.37 -1.48 33.66
C GLN A 447 5.40 -3.02 33.64
N LYS A 448 5.81 -3.62 34.76
CA LYS A 448 5.87 -5.07 34.86
C LYS A 448 4.47 -5.67 34.87
N LEU A 449 3.60 -5.13 35.72
CA LEU A 449 2.23 -5.65 35.88
C LEU A 449 1.45 -5.52 34.59
N ALA A 450 1.54 -4.34 33.95
CA ALA A 450 0.85 -4.15 32.67
C ALA A 450 1.33 -5.16 31.64
N LYS A 451 2.63 -5.48 31.67
CA LYS A 451 3.16 -6.43 30.70
C LYS A 451 2.73 -7.85 31.03
N GLN A 452 2.73 -8.22 32.31
CA GLN A 452 2.23 -9.54 32.72
C GLN A 452 0.81 -9.76 32.24
N ASP A 453 -0.05 -8.76 32.42
CA ASP A 453 -1.48 -8.79 32.06
C ASP A 453 -1.75 -8.60 30.57
N VAL A 454 -0.81 -8.03 29.81
CA VAL A 454 -1.02 -7.59 28.43
C VAL A 454 -2.20 -6.61 28.38
N ASN A 455 -2.03 -5.46 29.03
CA ASN A 455 -3.00 -4.39 28.85
C ASN A 455 -3.15 -4.05 27.38
N TRP A 456 -2.05 -4.11 26.65
CA TRP A 456 -2.06 -3.93 25.21
C TRP A 456 -0.77 -4.55 24.69
N ILE A 457 -0.59 -4.51 23.38
CA ILE A 457 0.63 -5.04 22.79
C ILE A 457 1.51 -3.84 22.41
N ASP A 458 2.62 -3.68 23.11
CA ASP A 458 3.55 -2.62 22.75
C ASP A 458 4.20 -2.95 21.41
N LEU A 459 4.31 -1.95 20.54
CA LEU A 459 4.86 -2.17 19.21
C LEU A 459 6.21 -1.48 19.03
N TYR A 460 6.25 -0.14 18.97
CA TYR A 460 7.54 0.51 18.75
C TYR A 460 7.50 1.95 19.20
N TYR A 461 8.68 2.45 19.55
CA TYR A 461 8.97 3.87 19.76
C TYR A 461 9.51 4.43 18.44
N SER A 462 9.34 5.73 18.25
CA SER A 462 9.87 6.31 17.01
C SER A 462 9.95 7.82 17.18
N PRO A 463 10.84 8.50 16.45
CA PRO A 463 10.87 9.97 16.50
C PRO A 463 9.65 10.54 15.80
N TYR A 464 9.43 11.84 15.99
CA TYR A 464 8.48 12.57 15.18
C TYR A 464 9.11 12.81 13.82
N ILE A 465 8.46 12.38 12.75
CA ILE A 465 9.01 12.57 11.42
C ILE A 465 8.06 13.43 10.63
N ASN A 466 8.46 14.67 10.40
CA ASN A 466 7.68 15.69 9.73
C ASN A 466 8.47 16.19 8.53
N ILE A 467 7.81 17.01 7.72
CA ILE A 467 8.43 17.52 6.49
C ILE A 467 8.03 18.99 6.32
N SER A 468 8.95 19.77 5.76
CA SER A 468 8.69 21.16 5.45
C SER A 468 9.43 21.51 4.17
N ARG A 469 8.85 22.44 3.41
CA ARG A 469 9.57 23.00 2.28
C ARG A 469 10.77 23.79 2.79
N LYS A 470 11.80 23.89 1.94
CA LYS A 470 13.10 24.38 2.37
C LYS A 470 13.03 25.83 2.86
N ASN A 471 12.08 26.63 2.36
CA ASN A 471 12.02 28.02 2.81
C ASN A 471 11.45 28.19 4.22
N VAL A 472 10.96 27.13 4.88
CA VAL A 472 10.40 27.24 6.23
C VAL A 472 11.50 26.98 7.26
N SER A 473 11.71 27.93 8.17
CA SER A 473 12.73 27.79 9.21
C SER A 473 12.11 27.47 10.57
N ASN A 474 12.89 26.77 11.40
CA ASN A 474 12.57 26.52 12.82
C ASN A 474 11.27 25.72 13.00
N PHE A 475 11.00 24.77 12.12
CA PHE A 475 9.79 23.94 12.22
C PHE A 475 10.11 22.70 13.04
N LEU A 476 10.23 22.91 14.34
CA LEU A 476 10.62 21.88 15.28
C LEU A 476 9.40 21.46 16.11
N GLN A 477 9.26 20.15 16.33
CA GLN A 477 8.32 19.60 17.30
C GLN A 477 9.14 19.12 18.49
N ASN A 478 8.90 19.70 19.66
CA ASN A 478 9.65 19.34 20.86
C ASN A 478 9.19 17.94 21.31
N PRO A 479 9.92 17.31 22.24
CA PRO A 479 9.60 15.89 22.54
C PRO A 479 8.22 15.67 23.11
N LEU A 480 7.61 16.72 23.64
CA LEU A 480 6.26 16.66 24.16
C LEU A 480 5.22 17.03 23.10
N GLY A 481 5.61 16.98 21.82
CA GLY A 481 4.67 17.13 20.73
C GLY A 481 4.37 18.56 20.32
N ARG A 482 4.91 19.54 21.04
CA ARG A 482 4.54 20.94 20.83
C ARG A 482 5.38 21.53 19.71
N PHE A 483 4.72 22.09 18.70
CA PHE A 483 5.43 22.68 17.55
C PHE A 483 5.86 24.10 17.90
N THR A 484 7.11 24.44 17.59
CA THR A 484 7.63 25.78 17.84
C THR A 484 7.15 26.76 16.75
N LEU A 485 5.82 26.86 16.65
CA LEU A 485 5.22 27.72 15.64
C LEU A 485 5.53 29.20 15.88
N GLU A 486 5.82 29.59 17.12
CA GLU A 486 6.23 30.96 17.38
C GLU A 486 7.61 31.28 16.83
N GLU A 487 8.46 30.27 16.66
CA GLU A 487 9.81 30.49 16.13
C GLU A 487 9.89 30.36 14.62
N VAL A 488 8.80 29.93 13.98
CA VAL A 488 8.84 29.60 12.56
C VAL A 488 8.96 30.89 11.73
N VAL A 489 9.85 30.86 10.74
CA VAL A 489 9.99 31.93 9.77
C VAL A 489 9.83 31.33 8.37
N LYS A 490 8.95 31.92 7.58
CA LYS A 490 8.63 31.46 6.23
C LYS A 490 9.28 32.45 5.27
N ASN A 491 10.33 32.01 4.58
CA ASN A 491 11.18 32.88 3.76
C ASN A 491 10.79 32.88 2.28
N ALA B 14 -25.46 -27.48 -20.74
CA ALA B 14 -25.15 -28.02 -19.43
C ALA B 14 -23.74 -28.57 -19.43
N GLY B 15 -23.35 -29.17 -20.55
CA GLY B 15 -22.00 -29.64 -20.74
C GLY B 15 -21.08 -28.61 -21.33
N VAL B 16 -21.55 -27.38 -21.49
CA VAL B 16 -20.78 -26.31 -22.13
C VAL B 16 -20.42 -25.27 -21.07
N LEU B 17 -19.13 -24.98 -20.96
CA LEU B 17 -18.62 -23.95 -20.06
C LEU B 17 -18.53 -22.62 -20.79
N THR B 18 -19.26 -21.63 -20.32
CA THR B 18 -19.22 -20.30 -20.90
C THR B 18 -18.28 -19.43 -20.08
N ILE B 19 -17.39 -18.72 -20.77
CA ILE B 19 -16.34 -17.90 -20.18
C ILE B 19 -16.50 -16.49 -20.72
N GLY B 20 -16.94 -15.56 -19.88
CA GLY B 20 -16.89 -14.16 -20.23
C GLY B 20 -15.45 -13.69 -20.38
N CYS B 21 -15.14 -13.02 -21.49
CA CYS B 21 -13.82 -12.39 -21.63
C CYS B 21 -13.95 -10.95 -22.08
N ARG B 22 -12.83 -10.29 -22.36
CA ARG B 22 -12.86 -8.90 -22.80
C ARG B 22 -12.48 -8.81 -24.27
N GLU B 23 -11.19 -8.96 -24.59
CA GLU B 23 -10.78 -8.95 -25.99
C GLU B 23 -11.17 -10.26 -26.67
N ASP B 24 -11.65 -10.15 -27.90
CA ASP B 24 -12.21 -11.25 -28.67
C ASP B 24 -11.16 -11.84 -29.60
N SER B 25 -11.42 -13.07 -30.04
CA SER B 25 -10.54 -13.77 -30.98
C SER B 25 -10.36 -12.97 -32.26
N THR B 26 -9.15 -13.03 -32.82
CA THR B 26 -8.86 -12.46 -34.13
C THR B 26 -8.44 -13.48 -35.16
N THR B 27 -7.89 -14.63 -34.73
CA THR B 27 -7.34 -15.64 -35.62
C THR B 27 -7.09 -16.91 -34.82
N PHE B 28 -6.96 -18.03 -35.54
CA PHE B 28 -6.51 -19.28 -34.94
C PHE B 28 -5.23 -19.79 -35.55
N ASP B 29 -4.54 -18.97 -36.35
CA ASP B 29 -3.18 -19.27 -36.78
C ASP B 29 -2.21 -18.70 -35.76
N PRO B 30 -1.52 -19.54 -34.98
CA PRO B 30 -0.71 -19.03 -33.86
C PRO B 30 0.42 -18.07 -34.24
N ILE B 31 0.96 -18.17 -35.45
CA ILE B 31 2.09 -17.30 -35.81
C ILE B 31 1.67 -15.86 -36.01
N LYS B 32 0.38 -15.61 -36.22
CA LYS B 32 -0.09 -14.29 -36.62
C LYS B 32 -0.74 -13.48 -35.50
N SER B 33 -0.72 -13.95 -34.26
CA SER B 33 -1.19 -13.10 -33.17
C SER B 33 -0.25 -13.22 -31.98
N ALA B 34 0.03 -12.09 -31.34
CA ALA B 34 0.78 -12.07 -30.09
C ALA B 34 -0.11 -11.68 -28.90
N GLN B 35 -1.42 -11.79 -29.06
CA GLN B 35 -2.38 -11.34 -28.05
C GLN B 35 -3.01 -12.51 -27.34
N ASN B 36 -3.22 -12.34 -26.04
CA ASN B 36 -3.87 -13.37 -25.24
C ASN B 36 -5.31 -13.62 -25.66
N ARG B 37 -5.97 -12.62 -26.28
CA ARG B 37 -7.31 -12.83 -26.79
C ARG B 37 -7.36 -14.04 -27.72
N ASP B 38 -6.21 -14.43 -28.28
CA ASP B 38 -6.06 -15.59 -29.13
C ASP B 38 -5.34 -16.73 -28.44
N THR B 39 -4.18 -16.45 -27.82
CA THR B 39 -3.38 -17.54 -27.28
C THR B 39 -4.05 -18.19 -26.08
N TRP B 40 -4.86 -17.44 -25.33
CA TRP B 40 -5.60 -18.09 -24.25
C TRP B 40 -6.76 -18.93 -24.78
N VAL B 41 -7.23 -18.65 -25.99
CA VAL B 41 -8.30 -19.46 -26.56
C VAL B 41 -7.74 -20.71 -27.22
N PHE B 42 -6.83 -20.54 -28.19
CA PHE B 42 -6.39 -21.72 -28.92
C PHE B 42 -5.33 -22.53 -28.19
N ALA B 43 -4.96 -22.16 -26.95
CA ALA B 43 -4.14 -23.04 -26.14
C ALA B 43 -4.86 -24.32 -25.76
N ASN B 44 -6.19 -24.32 -25.78
CA ASN B 44 -6.96 -25.56 -25.60
C ASN B 44 -7.44 -26.13 -26.92
N VAL B 45 -7.30 -25.38 -28.02
CA VAL B 45 -7.62 -25.89 -29.34
C VAL B 45 -6.47 -26.74 -29.89
N TYR B 46 -5.21 -26.41 -29.58
CA TYR B 46 -4.10 -27.23 -30.05
C TYR B 46 -3.29 -27.78 -28.87
N ASP B 47 -2.47 -28.76 -29.18
CA ASP B 47 -1.49 -29.29 -28.24
C ASP B 47 -0.08 -28.96 -28.72
N THR B 48 0.88 -29.03 -27.81
CA THR B 48 2.27 -28.72 -28.12
C THR B 48 3.14 -29.95 -27.87
N LEU B 49 4.39 -29.89 -28.35
CA LEU B 49 5.29 -31.02 -28.18
C LEU B 49 5.66 -31.20 -26.72
N VAL B 50 5.77 -30.11 -25.96
CA VAL B 50 5.94 -30.20 -24.52
C VAL B 50 4.98 -29.21 -23.85
N ARG B 51 4.77 -29.43 -22.56
CA ARG B 51 3.82 -28.68 -21.75
C ARG B 51 4.49 -28.22 -20.47
N VAL B 52 3.79 -27.37 -19.72
CA VAL B 52 4.24 -26.91 -18.41
C VAL B 52 3.20 -27.33 -17.39
N ASP B 53 3.66 -27.75 -16.20
CA ASP B 53 2.77 -28.20 -15.16
C ASP B 53 1.89 -27.05 -14.66
N ASN B 54 0.88 -27.41 -13.87
CA ASN B 54 -0.13 -26.45 -13.40
C ASN B 54 0.45 -25.37 -12.51
N LEU B 55 1.55 -25.65 -11.83
CA LEU B 55 2.22 -24.67 -10.99
C LEU B 55 3.27 -23.85 -11.73
N GLY B 56 3.42 -24.07 -13.03
CA GLY B 56 4.35 -23.29 -13.84
C GLY B 56 5.81 -23.40 -13.43
N THR B 57 6.29 -24.60 -13.12
CA THR B 57 7.65 -24.79 -12.67
C THR B 57 8.46 -25.79 -13.47
N LYS B 58 7.84 -26.53 -14.40
CA LYS B 58 8.51 -27.64 -15.07
C LYS B 58 8.07 -27.70 -16.52
N MET B 59 8.88 -28.36 -17.33
CA MET B 59 8.44 -28.84 -18.62
C MET B 59 8.00 -30.30 -18.46
N GLU B 60 6.90 -30.64 -19.11
CA GLU B 60 6.29 -31.96 -19.05
C GLU B 60 6.10 -32.46 -20.46
N PRO B 61 5.94 -33.78 -20.64
CA PRO B 61 5.72 -34.30 -22.00
C PRO B 61 4.34 -33.93 -22.51
N GLY B 62 4.28 -33.60 -23.78
CA GLY B 62 3.02 -33.37 -24.46
C GLY B 62 2.84 -34.36 -25.58
N LEU B 63 2.67 -33.86 -26.81
CA LEU B 63 2.67 -34.72 -27.98
C LEU B 63 3.97 -35.53 -28.08
N ALA B 64 5.05 -35.09 -27.45
CA ALA B 64 6.30 -35.83 -27.40
C ALA B 64 6.44 -36.50 -26.03
N GLU B 65 6.77 -37.79 -26.04
CA GLU B 65 6.93 -38.50 -24.78
C GLU B 65 8.31 -38.31 -24.18
N SER B 66 9.31 -38.07 -25.02
CA SER B 66 10.70 -38.04 -24.58
C SER B 66 11.47 -37.06 -25.44
N TRP B 67 12.43 -36.37 -24.84
CA TRP B 67 13.35 -35.53 -25.60
C TRP B 67 14.78 -35.89 -25.23
N ASP B 68 15.70 -35.56 -26.15
CA ASP B 68 17.12 -35.83 -25.94
C ASP B 68 17.94 -34.69 -26.51
N ILE B 69 18.96 -34.27 -25.75
CA ILE B 69 19.77 -33.12 -26.11
C ILE B 69 21.17 -33.58 -26.50
N SER B 70 21.74 -32.88 -27.48
CA SER B 70 23.11 -33.13 -27.91
C SER B 70 24.09 -32.62 -26.85
N LYS B 71 25.31 -33.13 -26.89
CA LYS B 71 26.41 -32.36 -26.33
C LYS B 71 26.55 -31.02 -27.04
N ASP B 72 26.40 -31.04 -28.38
CA ASP B 72 26.34 -29.85 -29.22
C ASP B 72 25.34 -28.82 -28.71
N GLY B 73 24.32 -29.26 -27.96
CA GLY B 73 23.21 -28.38 -27.66
C GLY B 73 22.55 -27.85 -28.91
N LEU B 74 22.74 -28.52 -30.04
CA LEU B 74 22.31 -28.04 -31.34
C LEU B 74 21.32 -28.95 -32.03
N THR B 75 21.21 -30.22 -31.60
CA THR B 75 20.28 -31.17 -32.20
C THR B 75 19.32 -31.64 -31.11
N TYR B 76 18.04 -31.29 -31.27
CA TYR B 76 16.99 -31.71 -30.35
C TYR B 76 16.20 -32.82 -31.03
N THR B 77 16.07 -33.95 -30.34
CA THR B 77 15.30 -35.09 -30.85
C THR B 77 14.14 -35.41 -29.91
N PHE B 78 12.93 -35.43 -30.46
CA PHE B 78 11.71 -35.70 -29.73
C PHE B 78 11.02 -36.92 -30.35
N LYS B 79 10.59 -37.85 -29.50
CA LYS B 79 9.81 -39.00 -29.94
C LYS B 79 8.34 -38.75 -29.60
N LEU B 80 7.48 -38.80 -30.62
CA LEU B 80 6.06 -38.51 -30.47
C LEU B 80 5.28 -39.74 -30.03
N ARG B 81 4.16 -39.49 -29.35
CA ARG B 81 3.13 -40.49 -29.12
C ARG B 81 2.32 -40.72 -30.39
N GLU B 82 1.48 -41.76 -30.33
CA GLU B 82 0.39 -41.87 -31.30
C GLU B 82 -0.69 -40.86 -30.91
N ALA B 83 -1.09 -40.03 -31.86
CA ALA B 83 -2.09 -39.00 -31.60
C ALA B 83 -2.68 -38.59 -32.93
N LYS B 84 -3.93 -38.16 -32.90
CA LYS B 84 -4.67 -37.85 -34.12
C LYS B 84 -5.08 -36.39 -34.12
N PHE B 85 -5.29 -35.86 -35.33
CA PHE B 85 -5.92 -34.57 -35.48
C PHE B 85 -7.44 -34.69 -35.37
N SER B 86 -8.11 -33.54 -35.27
CA SER B 86 -9.55 -33.56 -35.08
C SER B 86 -10.27 -34.24 -36.24
N ASP B 87 -9.68 -34.16 -37.44
CA ASP B 87 -10.28 -34.77 -38.63
C ASP B 87 -9.96 -36.26 -38.76
N GLY B 88 -9.19 -36.83 -37.82
CA GLY B 88 -8.90 -38.24 -37.78
C GLY B 88 -7.51 -38.63 -38.20
N SER B 89 -6.81 -37.79 -38.97
CA SER B 89 -5.54 -38.15 -39.59
C SER B 89 -4.38 -38.01 -38.60
N PRO B 90 -3.32 -38.81 -38.76
CA PRO B 90 -2.30 -38.92 -37.71
C PRO B 90 -1.52 -37.63 -37.51
N ILE B 91 -0.88 -37.54 -36.34
CA ILE B 91 0.01 -36.45 -35.98
C ILE B 91 1.44 -36.95 -36.18
N THR B 92 2.11 -36.44 -37.21
CA THR B 92 3.43 -36.91 -37.60
C THR B 92 4.48 -35.85 -37.26
N ALA B 93 5.75 -36.26 -37.35
CA ALA B 93 6.83 -35.29 -37.20
C ALA B 93 6.89 -34.32 -38.38
N GLU B 94 6.35 -34.70 -39.54
CA GLU B 94 6.23 -33.73 -40.63
C GLU B 94 5.23 -32.63 -40.30
N ASP B 95 4.33 -32.87 -39.35
CA ASP B 95 3.43 -31.81 -38.88
C ASP B 95 4.19 -30.84 -37.97
N ALA B 96 4.92 -31.39 -36.99
CA ALA B 96 5.73 -30.57 -36.11
C ALA B 96 6.68 -29.69 -36.92
N ALA B 97 7.49 -30.32 -37.78
CA ALA B 97 8.44 -29.57 -38.60
C ALA B 97 7.75 -28.46 -39.37
N PHE B 98 6.62 -28.76 -40.01
CA PHE B 98 5.88 -27.73 -40.72
C PHE B 98 5.47 -26.59 -39.79
N SER B 99 4.97 -26.94 -38.60
CA SER B 99 4.56 -25.91 -37.64
C SER B 99 5.75 -25.05 -37.23
N LEU B 100 6.83 -25.69 -36.78
CA LEU B 100 8.01 -25.00 -36.31
C LEU B 100 8.59 -24.08 -37.38
N LEU B 101 8.73 -24.58 -38.61
CA LEU B 101 9.47 -23.84 -39.63
C LEU B 101 8.68 -22.65 -40.16
N ARG B 102 7.34 -22.70 -40.15
CA ARG B 102 6.61 -21.53 -40.61
C ARG B 102 6.65 -20.39 -39.58
N ILE B 103 6.96 -20.68 -38.31
CA ILE B 103 7.12 -19.60 -37.35
C ILE B 103 8.34 -18.77 -37.70
N ARG B 104 9.41 -19.43 -38.15
CA ARG B 104 10.62 -18.74 -38.56
C ARG B 104 10.49 -18.16 -39.96
N ASP B 105 9.83 -18.87 -40.88
CA ASP B 105 9.86 -18.52 -42.29
C ASP B 105 8.74 -17.60 -42.75
N ASN B 106 7.53 -17.78 -42.21
CA ASN B 106 6.35 -17.18 -42.82
C ASN B 106 6.40 -15.66 -42.77
N LYS B 107 5.97 -15.04 -43.86
CA LYS B 107 5.97 -13.58 -43.98
C LYS B 107 5.17 -12.91 -42.85
N ALA B 108 4.02 -13.48 -42.50
CA ALA B 108 3.11 -12.86 -41.53
C ALA B 108 3.42 -13.25 -40.09
N SER B 109 4.50 -14.00 -39.86
CA SER B 109 4.82 -14.43 -38.51
C SER B 109 5.37 -13.28 -37.66
N LEU B 110 4.90 -13.21 -36.41
CA LEU B 110 5.35 -12.21 -35.45
C LEU B 110 6.49 -12.70 -34.57
N TRP B 111 6.99 -13.92 -34.80
CA TRP B 111 7.91 -14.59 -33.89
C TRP B 111 9.18 -15.03 -34.60
N SER B 112 9.55 -14.32 -35.67
CA SER B 112 10.73 -14.67 -36.46
C SER B 112 12.00 -14.67 -35.62
N ASP B 113 12.22 -13.60 -34.84
CA ASP B 113 13.51 -13.43 -34.17
C ASP B 113 13.86 -14.55 -33.20
N PRO B 114 13.00 -14.93 -32.24
CA PRO B 114 13.38 -16.06 -31.36
C PRO B 114 13.50 -17.37 -32.12
N PHE B 115 12.86 -17.51 -33.29
CA PHE B 115 12.89 -18.75 -34.04
C PHE B 115 13.74 -18.67 -35.30
N SER B 116 14.33 -17.52 -35.59
CA SER B 116 15.23 -17.41 -36.74
C SER B 116 16.54 -18.13 -36.45
N LEU B 117 16.63 -18.75 -35.28
CA LEU B 117 17.79 -19.49 -34.81
C LEU B 117 17.62 -21.00 -35.14
N ILE B 118 16.65 -21.33 -35.98
CA ILE B 118 16.41 -22.70 -36.37
C ILE B 118 17.00 -22.99 -37.74
N ASN B 119 18.05 -23.82 -37.77
CA ASN B 119 18.67 -24.19 -39.03
C ASN B 119 17.78 -25.05 -39.88
N THR B 120 17.23 -26.09 -39.27
CA THR B 120 16.34 -27.04 -39.91
C THR B 120 15.61 -27.90 -38.91
N ALA B 121 14.38 -28.23 -39.25
CA ALA B 121 13.56 -29.15 -38.48
C ALA B 121 13.23 -30.32 -39.39
N LYS B 122 13.57 -31.53 -38.96
CA LYS B 122 13.45 -32.70 -39.82
C LYS B 122 12.67 -33.82 -39.14
N ALA B 123 11.86 -34.50 -39.94
CA ALA B 123 11.20 -35.74 -39.56
C ALA B 123 12.00 -36.90 -40.15
N THR B 124 12.64 -37.70 -39.28
CA THR B 124 13.35 -38.87 -39.75
C THR B 124 12.40 -40.07 -39.86
N ASP B 125 11.78 -40.46 -38.75
CA ASP B 125 10.71 -41.45 -38.72
C ASP B 125 9.39 -40.78 -38.37
N PRO B 126 8.26 -41.43 -38.62
CA PRO B 126 6.96 -40.78 -38.32
C PRO B 126 6.86 -40.23 -36.91
N LYS B 127 7.60 -40.81 -35.98
CA LYS B 127 7.52 -40.42 -34.57
C LYS B 127 8.80 -39.94 -33.88
N THR B 128 9.85 -39.64 -34.63
CA THR B 128 11.09 -39.16 -34.02
C THR B 128 11.37 -37.76 -34.56
N LEU B 129 11.50 -36.77 -33.68
CA LEU B 129 11.75 -35.40 -34.15
C LEU B 129 13.12 -34.86 -33.86
N VAL B 130 13.77 -34.41 -34.94
CA VAL B 130 15.10 -33.84 -34.87
C VAL B 130 15.08 -32.43 -35.43
N VAL B 131 15.53 -31.48 -34.60
CA VAL B 131 15.58 -30.09 -34.99
C VAL B 131 17.00 -29.65 -34.78
N THR B 132 17.49 -28.86 -35.73
CA THR B 132 18.85 -28.36 -35.68
C THR B 132 18.90 -26.84 -35.62
N LEU B 133 19.50 -26.27 -34.58
CA LEU B 133 19.54 -24.82 -34.53
C LEU B 133 20.77 -24.30 -35.29
N LYS B 134 20.92 -22.97 -35.32
CA LYS B 134 22.08 -22.35 -35.94
C LYS B 134 23.23 -22.14 -34.96
N THR B 135 22.97 -22.27 -33.68
CA THR B 135 23.86 -22.04 -32.54
C THR B 135 23.08 -22.48 -31.32
N PRO B 136 23.72 -22.93 -30.24
CA PRO B 136 22.94 -23.34 -29.06
C PRO B 136 22.15 -22.18 -28.48
N ALA B 137 20.94 -22.47 -27.99
CA ALA B 137 20.09 -21.47 -27.34
C ALA B 137 19.27 -22.19 -26.28
N VAL B 138 19.54 -21.89 -25.01
CA VAL B 138 18.97 -22.67 -23.92
C VAL B 138 17.45 -22.51 -23.81
N ALA B 139 16.91 -21.37 -24.23
CA ALA B 139 15.45 -21.16 -24.16
C ALA B 139 14.66 -22.05 -25.11
N PHE B 140 15.26 -22.99 -25.85
CA PHE B 140 14.52 -23.58 -26.96
C PHE B 140 13.54 -24.66 -26.50
N LEU B 141 13.89 -25.43 -25.47
CA LEU B 141 12.89 -26.36 -24.93
C LEU B 141 11.76 -25.59 -24.28
N SER B 142 12.07 -24.50 -23.57
CA SER B 142 11.03 -23.66 -22.99
C SER B 142 10.10 -23.13 -24.07
N GLN B 143 10.64 -22.80 -25.23
CA GLN B 143 9.84 -22.26 -26.28
C GLN B 143 8.80 -23.18 -26.81
N LEU B 144 9.05 -24.46 -26.79
CA LEU B 144 8.09 -25.43 -27.32
C LEU B 144 6.80 -25.64 -26.57
N ALA B 145 6.72 -25.18 -25.34
CA ALA B 145 5.52 -25.26 -24.51
C ALA B 145 4.59 -24.07 -24.74
N SER B 146 4.99 -23.14 -25.56
CA SER B 146 4.18 -22.03 -25.88
C SER B 146 3.12 -22.42 -26.87
N PRO B 147 1.94 -21.78 -26.83
CA PRO B 147 0.84 -21.91 -27.76
C PRO B 147 1.22 -21.47 -29.17
N THR B 148 2.23 -20.61 -29.25
CA THR B 148 2.69 -20.13 -30.54
C THR B 148 3.26 -21.28 -31.36
N VAL B 149 3.69 -22.33 -30.66
CA VAL B 149 4.26 -23.51 -31.30
C VAL B 149 3.25 -24.64 -31.42
N SER B 150 1.97 -24.29 -31.39
CA SER B 150 0.90 -25.25 -31.49
C SER B 150 1.08 -26.10 -32.74
N ILE B 151 0.93 -27.41 -32.59
CA ILE B 151 1.14 -28.29 -33.72
C ILE B 151 -0.05 -28.34 -34.66
N LEU B 152 0.13 -27.74 -35.82
CA LEU B 152 -0.91 -27.73 -36.81
C LEU B 152 -0.74 -28.93 -37.71
N SER B 153 -1.64 -29.08 -38.67
CA SER B 153 -1.52 -30.22 -39.53
C SER B 153 -0.89 -29.75 -40.81
N GLU B 154 0.28 -30.32 -41.11
CA GLU B 154 1.00 -29.93 -42.31
C GLU B 154 0.14 -30.27 -43.50
N LYS B 155 -0.44 -31.47 -43.51
CA LYS B 155 -1.27 -31.88 -44.62
C LYS B 155 -2.54 -31.07 -44.78
N ALA B 156 -3.24 -30.82 -43.68
CA ALA B 156 -4.49 -30.10 -43.72
C ALA B 156 -4.38 -28.69 -44.18
N MET B 157 -3.35 -28.01 -43.68
CA MET B 157 -3.06 -26.68 -44.14
C MET B 157 -2.57 -26.76 -45.58
N THR B 158 -1.82 -27.80 -45.93
CA THR B 158 -1.39 -27.94 -47.30
C THR B 158 -2.60 -28.04 -48.21
N LYS B 159 -3.69 -28.68 -47.79
CA LYS B 159 -4.86 -28.71 -48.67
C LYS B 159 -5.62 -27.41 -48.62
N MET B 160 -6.13 -27.12 -47.45
CA MET B 160 -6.95 -25.94 -47.21
C MET B 160 -6.26 -24.59 -47.40
N GLY B 161 -5.01 -24.49 -46.94
CA GLY B 161 -4.24 -23.26 -47.00
C GLY B 161 -4.43 -22.46 -45.71
N GLU B 162 -3.52 -21.55 -45.41
CA GLU B 162 -3.61 -20.79 -44.16
C GLU B 162 -4.79 -19.85 -43.88
N ASP B 163 -5.27 -19.11 -44.87
CA ASP B 163 -6.38 -18.19 -44.63
C ASP B 163 -7.68 -18.85 -44.17
N ALA B 164 -7.95 -20.04 -44.68
CA ALA B 164 -9.15 -20.78 -44.31
C ALA B 164 -8.88 -21.58 -43.07
N TYR B 165 -7.66 -22.10 -42.98
CA TYR B 165 -7.29 -22.89 -41.83
C TYR B 165 -7.44 -22.05 -40.57
N ALA B 166 -7.20 -20.75 -40.69
CA ALA B 166 -7.31 -19.84 -39.56
C ALA B 166 -8.72 -19.74 -39.05
N GLU B 167 -9.70 -19.65 -39.95
CA GLU B 167 -11.10 -19.58 -39.56
C GLU B 167 -11.70 -20.87 -38.99
N ASN B 168 -11.32 -22.01 -39.57
CA ASN B 168 -11.79 -23.32 -39.11
C ASN B 168 -10.74 -24.41 -39.25
N PRO B 169 -9.85 -24.50 -38.27
CA PRO B 169 -8.70 -25.40 -38.25
C PRO B 169 -8.90 -26.85 -37.84
N VAL B 170 -7.89 -27.66 -38.15
CA VAL B 170 -7.82 -29.06 -37.79
C VAL B 170 -7.01 -28.97 -36.52
N THR B 171 -7.50 -29.63 -35.50
CA THR B 171 -6.97 -29.51 -34.15
C THR B 171 -6.19 -30.67 -33.55
N SER B 172 -5.09 -30.37 -32.88
CA SER B 172 -4.32 -31.39 -32.20
C SER B 172 -4.61 -31.41 -30.69
N GLY B 173 -5.44 -30.48 -30.25
CA GLY B 173 -5.79 -30.31 -28.85
C GLY B 173 -7.13 -30.86 -28.39
N ALA B 174 -7.60 -30.38 -27.25
CA ALA B 174 -8.82 -30.92 -26.64
C ALA B 174 -10.10 -30.48 -27.34
N PHE B 175 -10.09 -29.36 -28.05
CA PHE B 175 -11.32 -28.79 -28.57
C PHE B 175 -11.16 -28.44 -30.05
N THR B 176 -12.30 -28.31 -30.73
CA THR B 176 -12.37 -27.85 -32.10
C THR B 176 -13.12 -26.54 -32.12
N VAL B 177 -12.93 -25.75 -33.18
CA VAL B 177 -13.60 -24.45 -33.32
C VAL B 177 -14.89 -24.72 -34.10
N ASP B 178 -15.99 -24.92 -33.37
CA ASP B 178 -17.24 -25.28 -34.02
C ASP B 178 -17.91 -24.08 -34.68
N GLU B 179 -17.94 -22.93 -34.00
CA GLU B 179 -18.57 -21.75 -34.57
C GLU B 179 -17.88 -20.51 -34.01
N TRP B 180 -17.73 -19.50 -34.86
CA TRP B 180 -17.02 -18.28 -34.50
C TRP B 180 -17.82 -17.10 -35.00
N ARG B 181 -18.59 -16.49 -34.11
CA ARG B 181 -19.24 -15.21 -34.36
C ARG B 181 -18.26 -14.11 -33.96
N LYS B 182 -17.67 -13.46 -34.95
CA LYS B 182 -16.60 -12.52 -34.72
C LYS B 182 -17.10 -11.32 -33.92
N GLY B 183 -16.32 -10.90 -32.93
CA GLY B 183 -16.74 -9.84 -32.04
C GLY B 183 -17.75 -10.25 -30.99
N ASP B 184 -18.28 -11.47 -31.04
CA ASP B 184 -19.34 -11.90 -30.12
C ASP B 184 -18.89 -13.11 -29.32
N ARG B 185 -18.77 -14.30 -29.92
CA ARG B 185 -18.36 -15.46 -29.14
C ARG B 185 -17.68 -16.48 -30.04
N VAL B 186 -16.80 -17.27 -29.43
CA VAL B 186 -16.15 -18.42 -30.05
C VAL B 186 -16.71 -19.67 -29.36
N ILE B 187 -17.32 -20.56 -30.15
CA ILE B 187 -17.91 -21.79 -29.62
C ILE B 187 -17.00 -22.95 -30.00
N LEU B 188 -16.46 -23.61 -28.99
CA LEU B 188 -15.58 -24.76 -29.16
C LEU B 188 -16.30 -26.04 -28.77
N LYS B 189 -15.95 -27.13 -29.44
CA LYS B 189 -16.54 -28.43 -29.18
C LYS B 189 -15.45 -29.40 -28.76
N LYS B 190 -15.79 -30.31 -27.83
CA LYS B 190 -14.86 -31.37 -27.45
C LYS B 190 -14.36 -32.12 -28.68
N ASN B 191 -13.05 -32.34 -28.74
CA ASN B 191 -12.44 -33.03 -29.86
C ASN B 191 -12.32 -34.51 -29.52
N PRO B 192 -13.13 -35.39 -30.11
CA PRO B 192 -13.07 -36.82 -29.73
C PRO B 192 -11.76 -37.47 -30.08
N ASN B 193 -11.02 -36.93 -31.03
CA ASN B 193 -9.75 -37.49 -31.48
C ASN B 193 -8.55 -36.96 -30.73
N PHE B 194 -8.74 -36.00 -29.81
CA PHE B 194 -7.67 -35.57 -28.92
C PHE B 194 -7.15 -36.77 -28.15
N TRP B 195 -5.81 -36.89 -28.06
CA TRP B 195 -5.21 -38.08 -27.48
C TRP B 195 -5.43 -38.21 -25.98
N GLN B 196 -6.11 -37.24 -25.34
CA GLN B 196 -6.51 -37.38 -23.94
C GLN B 196 -7.98 -37.01 -23.76
N ALA B 197 -8.81 -37.25 -24.78
CA ALA B 197 -10.22 -36.88 -24.71
C ALA B 197 -10.94 -37.53 -23.55
N LYS B 198 -10.49 -38.71 -23.10
CA LYS B 198 -11.16 -39.38 -21.98
C LYS B 198 -10.95 -38.66 -20.66
N ASN B 199 -10.09 -37.65 -20.62
CA ASN B 199 -9.96 -36.82 -19.43
C ASN B 199 -10.84 -35.58 -19.48
N VAL B 200 -11.38 -35.24 -20.65
CA VAL B 200 -12.08 -33.98 -20.88
C VAL B 200 -13.56 -34.20 -20.57
N SER B 201 -14.01 -33.70 -19.41
CA SER B 201 -15.40 -33.89 -19.02
C SER B 201 -16.33 -33.03 -19.86
N LEU B 202 -15.90 -31.83 -20.22
CA LEU B 202 -16.78 -30.87 -20.87
C LEU B 202 -17.06 -31.26 -22.31
N ASP B 203 -18.27 -30.94 -22.77
CA ASP B 203 -18.63 -31.11 -24.17
C ASP B 203 -18.26 -29.90 -25.02
N GLY B 204 -18.08 -28.74 -24.41
CA GLY B 204 -17.73 -27.55 -25.18
C GLY B 204 -17.40 -26.38 -24.28
N VAL B 205 -16.84 -25.35 -24.91
CA VAL B 205 -16.48 -24.12 -24.25
C VAL B 205 -16.94 -22.96 -25.13
N GLU B 206 -17.54 -21.94 -24.52
CA GLU B 206 -17.90 -20.72 -25.22
C GLU B 206 -17.16 -19.55 -24.59
N TRP B 207 -16.33 -18.89 -25.38
CA TRP B 207 -15.69 -17.64 -24.99
C TRP B 207 -16.56 -16.49 -25.47
N VAL B 208 -17.17 -15.75 -24.53
CA VAL B 208 -18.16 -14.70 -24.84
C VAL B 208 -17.54 -13.35 -24.51
N SER B 209 -17.30 -12.52 -25.53
CA SER B 209 -16.68 -11.22 -25.31
C SER B 209 -17.69 -10.25 -24.68
N VAL B 210 -17.40 -9.79 -23.45
CA VAL B 210 -18.23 -8.83 -22.74
C VAL B 210 -17.28 -7.74 -22.26
N THR B 211 -17.23 -6.61 -22.98
CA THR B 211 -16.17 -5.63 -22.78
C THR B 211 -16.41 -4.68 -21.63
N ASP B 212 -17.55 -4.76 -20.95
CA ASP B 212 -17.77 -3.99 -19.73
C ASP B 212 -17.53 -4.90 -18.53
N ASP B 213 -16.60 -4.48 -17.66
CA ASP B 213 -16.23 -5.30 -16.50
C ASP B 213 -17.47 -5.64 -15.65
N ASN B 214 -18.25 -4.62 -15.28
CA ASN B 214 -19.36 -4.86 -14.36
C ASN B 214 -20.43 -5.74 -14.98
N THR B 215 -20.74 -5.51 -16.26
CA THR B 215 -21.68 -6.35 -16.97
C THR B 215 -21.22 -7.80 -17.00
N ARG B 216 -19.92 -8.03 -17.25
CA ARG B 216 -19.38 -9.38 -17.17
C ARG B 216 -19.61 -10.01 -15.80
N MET B 217 -19.39 -9.24 -14.72
CA MET B 217 -19.58 -9.78 -13.37
C MET B 217 -21.04 -10.12 -13.11
N ARG B 218 -21.96 -9.20 -13.45
CA ARG B 218 -23.38 -9.44 -13.21
C ARG B 218 -23.85 -10.68 -13.95
N MET B 219 -23.39 -10.88 -15.20
CA MET B 219 -23.77 -12.05 -15.97
C MET B 219 -23.37 -13.35 -15.28
N VAL B 220 -22.21 -13.39 -14.65
CA VAL B 220 -21.86 -14.60 -13.89
C VAL B 220 -22.78 -14.74 -12.69
N GLN B 221 -23.06 -13.63 -12.01
CA GLN B 221 -23.92 -13.70 -10.84
C GLN B 221 -25.34 -14.07 -11.21
N ASN B 222 -25.78 -13.70 -12.40
CA ASN B 222 -27.13 -14.01 -12.86
C ASN B 222 -27.20 -15.33 -13.60
N ASN B 223 -26.15 -16.14 -13.54
CA ASN B 223 -26.11 -17.46 -14.19
C ASN B 223 -26.26 -17.35 -15.71
N GLU B 224 -25.86 -16.23 -16.30
CA GLU B 224 -25.82 -16.12 -17.75
C GLU B 224 -24.45 -16.49 -18.33
N LEU B 225 -23.45 -16.64 -17.46
CA LEU B 225 -22.12 -17.15 -17.80
C LEU B 225 -21.68 -18.05 -16.66
N ASP B 226 -20.98 -19.13 -16.99
CA ASP B 226 -20.51 -20.02 -15.93
C ASP B 226 -19.29 -19.44 -15.21
N THR B 227 -18.48 -18.66 -15.94
CA THR B 227 -17.18 -18.19 -15.48
C THR B 227 -16.87 -16.89 -16.22
N ALA B 228 -15.84 -16.19 -15.74
CA ALA B 228 -15.39 -14.99 -16.41
C ALA B 228 -13.98 -14.66 -15.95
N ILE B 229 -13.22 -14.03 -16.83
CA ILE B 229 -11.88 -13.58 -16.52
C ILE B 229 -11.93 -12.08 -16.24
N PHE B 230 -10.85 -11.56 -15.66
CA PHE B 230 -10.61 -10.13 -15.40
C PHE B 230 -11.70 -9.58 -14.46
N VAL B 231 -11.67 -10.09 -13.24
CA VAL B 231 -12.52 -9.53 -12.20
C VAL B 231 -12.05 -8.13 -11.86
N PRO B 232 -12.92 -7.12 -11.96
CA PRO B 232 -12.53 -5.75 -11.62
C PRO B 232 -12.07 -5.66 -10.17
N PHE B 233 -10.95 -4.98 -9.97
CA PHE B 233 -10.32 -4.97 -8.65
C PHE B 233 -11.28 -4.46 -7.58
N SER B 234 -12.14 -3.51 -7.95
CA SER B 234 -13.02 -2.90 -6.95
C SER B 234 -13.97 -3.92 -6.33
N ARG B 235 -14.30 -5.00 -7.04
CA ARG B 235 -15.30 -5.96 -6.59
C ARG B 235 -14.71 -7.25 -6.03
N VAL B 236 -13.39 -7.39 -5.97
CA VAL B 236 -12.80 -8.62 -5.48
C VAL B 236 -13.24 -8.92 -4.04
N GLU B 237 -13.21 -7.91 -3.17
CA GLU B 237 -13.50 -8.15 -1.76
C GLU B 237 -14.96 -8.59 -1.53
N GLU B 238 -15.91 -7.94 -2.20
CA GLU B 238 -17.30 -8.32 -2.00
C GLU B 238 -17.62 -9.67 -2.65
N LEU B 239 -17.04 -9.95 -3.82
CA LEU B 239 -17.32 -11.23 -4.47
C LEU B 239 -16.68 -12.39 -3.71
N LYS B 240 -15.58 -12.14 -3.00
CA LYS B 240 -15.01 -13.19 -2.15
C LYS B 240 -15.97 -13.58 -1.03
N LYS B 241 -16.95 -12.73 -0.72
CA LYS B 241 -17.97 -13.04 0.28
C LYS B 241 -19.27 -13.57 -0.33
N ASP B 242 -19.36 -13.65 -1.66
CA ASP B 242 -20.56 -14.12 -2.34
C ASP B 242 -20.52 -15.64 -2.40
N LYS B 243 -21.45 -16.30 -1.74
CA LYS B 243 -21.35 -17.74 -1.61
C LYS B 243 -21.80 -18.50 -2.86
N ASN B 244 -22.35 -17.82 -3.87
CA ASN B 244 -22.69 -18.47 -5.12
C ASN B 244 -21.52 -18.51 -6.11
N VAL B 245 -20.43 -17.80 -5.85
CA VAL B 245 -19.32 -17.74 -6.79
C VAL B 245 -18.02 -17.96 -6.03
N VAL B 246 -16.98 -18.28 -6.80
CA VAL B 246 -15.63 -18.51 -6.31
C VAL B 246 -14.71 -17.54 -7.02
N ILE B 247 -13.93 -16.78 -6.25
CA ILE B 247 -12.93 -15.91 -6.85
C ILE B 247 -11.61 -16.67 -6.86
N HIS B 248 -11.03 -16.84 -8.04
CA HIS B 248 -9.70 -17.40 -8.14
C HIS B 248 -8.69 -16.26 -8.14
N SER B 249 -7.62 -16.41 -7.37
CA SER B 249 -6.51 -15.47 -7.37
C SER B 249 -5.24 -16.30 -7.57
N ASP B 250 -4.89 -16.53 -8.85
CA ASP B 250 -3.94 -17.54 -9.31
C ASP B 250 -2.58 -16.93 -9.59
N PRO B 251 -1.49 -17.54 -9.13
CA PRO B 251 -0.16 -16.97 -9.38
C PRO B 251 0.09 -16.82 -10.87
N SER B 252 0.69 -15.69 -11.25
CA SER B 252 0.82 -15.29 -12.64
C SER B 252 2.22 -14.80 -12.95
N THR B 253 2.40 -14.45 -14.22
CA THR B 253 3.56 -13.75 -14.76
C THR B 253 3.11 -12.41 -15.35
N ARG B 254 2.03 -11.84 -14.79
CA ARG B 254 1.40 -10.65 -15.36
C ARG B 254 2.02 -9.36 -14.84
N GLU B 255 2.22 -8.41 -15.76
CA GLU B 255 2.60 -7.04 -15.43
C GLU B 255 1.82 -6.08 -16.32
N ASP B 256 1.25 -5.04 -15.72
CA ASP B 256 0.66 -3.94 -16.48
C ASP B 256 1.65 -2.77 -16.52
N HIS B 257 1.57 -1.99 -17.58
CA HIS B 257 2.55 -0.95 -17.89
C HIS B 257 1.87 0.17 -18.68
N LEU B 258 2.48 1.35 -18.67
CA LEU B 258 2.02 2.46 -19.48
C LEU B 258 2.93 2.58 -20.71
N LEU B 259 2.38 2.30 -21.89
CA LEU B 259 3.12 2.43 -23.13
C LEU B 259 3.40 3.90 -23.43
N ILE B 260 4.53 4.16 -24.09
CA ILE B 260 4.85 5.50 -24.60
C ILE B 260 5.22 5.36 -26.07
N ASN B 261 4.58 6.15 -26.95
CA ASN B 261 4.95 6.15 -28.35
C ASN B 261 6.19 7.02 -28.54
N HIS B 262 7.36 6.38 -28.61
CA HIS B 262 8.62 7.12 -28.67
C HIS B 262 8.80 7.85 -29.99
N GLU B 263 8.00 7.59 -31.02
CA GLU B 263 8.20 8.33 -32.25
C GLU B 263 7.22 9.48 -32.41
N HIS B 264 6.48 9.83 -31.36
CA HIS B 264 5.63 11.00 -31.38
C HIS B 264 6.37 12.18 -30.76
N GLY B 265 7.19 12.83 -31.58
CA GLY B 265 7.71 14.11 -31.20
C GLY B 265 8.65 14.05 -30.01
N LEU B 266 8.42 14.96 -29.07
CA LEU B 266 9.27 15.10 -27.88
C LEU B 266 9.32 13.85 -27.02
N LEU B 267 8.35 12.93 -27.17
CA LEU B 267 8.43 11.66 -26.43
C LEU B 267 9.62 10.83 -26.85
N ALA B 268 10.30 11.20 -27.94
CA ALA B 268 11.56 10.56 -28.30
C ALA B 268 12.68 10.90 -27.31
N LYS B 269 12.56 11.97 -26.56
CA LYS B 269 13.65 12.43 -25.68
C LYS B 269 13.61 11.65 -24.36
N PRO B 270 14.70 10.96 -23.98
CA PRO B 270 14.70 10.24 -22.69
C PRO B 270 14.30 11.12 -21.51
N GLU B 271 14.67 12.40 -21.53
CA GLU B 271 14.38 13.29 -20.40
C GLU B 271 12.89 13.52 -20.24
N VAL B 272 12.17 13.61 -21.37
CA VAL B 272 10.72 13.78 -21.31
C VAL B 272 10.06 12.54 -20.72
N ARG B 273 10.50 11.34 -21.14
CA ARG B 273 9.97 10.11 -20.57
C ARG B 273 10.35 9.96 -19.10
N GLN B 274 11.59 10.32 -18.73
CA GLN B 274 11.95 10.32 -17.32
C GLN B 274 11.07 11.28 -16.51
N ALA B 275 10.78 12.45 -17.07
CA ALA B 275 9.91 13.40 -16.38
C ALA B 275 8.55 12.79 -16.10
N LEU B 276 7.97 12.07 -17.08
CA LEU B 276 6.69 11.41 -16.87
C LEU B 276 6.78 10.36 -15.77
N ASP B 277 7.86 9.56 -15.78
CA ASP B 277 8.07 8.56 -14.75
C ASP B 277 8.10 9.20 -13.36
N MET B 278 8.80 10.34 -13.21
CA MET B 278 8.92 10.99 -11.92
C MET B 278 7.67 11.75 -11.49
N ALA B 279 6.75 11.98 -12.43
CA ALA B 279 5.51 12.71 -12.16
C ALA B 279 4.35 11.81 -11.74
N ILE B 280 4.53 10.50 -11.74
CA ILE B 280 3.49 9.55 -11.46
C ILE B 280 3.89 8.80 -10.19
N ASP B 281 3.04 8.89 -9.17
CA ASP B 281 3.28 8.28 -7.86
C ASP B 281 2.78 6.84 -7.95
N LYS B 282 3.70 5.89 -8.07
CA LYS B 282 3.34 4.50 -8.35
C LYS B 282 2.62 3.85 -7.17
N GLN B 283 3.16 4.01 -5.96
CA GLN B 283 2.54 3.37 -4.81
C GLN B 283 1.08 3.82 -4.67
N SER B 284 0.85 5.13 -4.75
CA SER B 284 -0.48 5.68 -4.66
C SER B 284 -1.38 5.16 -5.78
N LEU B 285 -0.86 5.15 -7.01
CA LEU B 285 -1.65 4.70 -8.16
C LEU B 285 -2.05 3.24 -7.99
N VAL B 286 -1.09 2.38 -7.67
CA VAL B 286 -1.35 0.94 -7.62
C VAL B 286 -2.28 0.60 -6.46
N LYS B 287 -2.05 1.18 -5.28
CA LYS B 287 -2.92 0.84 -4.16
C LYS B 287 -4.34 1.32 -4.40
N THR B 288 -4.49 2.51 -4.98
CA THR B 288 -5.82 3.04 -5.25
C THR B 288 -6.53 2.26 -6.35
N ALA B 289 -5.87 2.12 -7.51
CA ALA B 289 -6.53 1.56 -8.68
C ALA B 289 -6.68 0.05 -8.57
N THR B 290 -5.80 -0.64 -7.85
CA THR B 290 -5.90 -2.09 -7.75
C THR B 290 -6.49 -2.56 -6.42
N TYR B 291 -6.90 -1.62 -5.57
CA TYR B 291 -7.54 -1.94 -4.30
C TYR B 291 -6.65 -2.87 -3.48
N GLY B 292 -5.34 -2.59 -3.53
CA GLY B 292 -4.37 -3.37 -2.79
C GLY B 292 -4.01 -4.72 -3.39
N GLN B 293 -4.62 -5.12 -4.50
CA GLN B 293 -4.31 -6.41 -5.11
C GLN B 293 -3.01 -6.40 -5.91
N GLY B 294 -2.57 -5.24 -6.44
CA GLY B 294 -1.36 -5.18 -7.24
C GLY B 294 -0.13 -4.85 -6.40
N THR B 295 1.06 -5.17 -6.92
CA THR B 295 2.31 -4.81 -6.27
C THR B 295 3.12 -3.96 -7.24
N VAL B 296 3.66 -2.84 -6.74
CA VAL B 296 4.35 -1.88 -7.60
C VAL B 296 5.42 -2.60 -8.43
N ALA B 297 5.36 -2.40 -9.74
CA ALA B 297 6.35 -2.93 -10.67
C ALA B 297 7.50 -1.95 -10.87
N TYR B 298 8.71 -2.50 -11.04
CA TYR B 298 9.92 -1.71 -11.21
C TYR B 298 10.83 -2.32 -12.27
N SER B 299 10.41 -3.38 -12.96
CA SER B 299 11.20 -4.03 -13.98
C SER B 299 10.23 -4.66 -14.97
N TYR B 300 10.64 -4.75 -16.24
CA TYR B 300 9.77 -5.36 -17.25
C TYR B 300 9.71 -6.87 -17.08
N ILE B 301 10.63 -7.47 -16.34
CA ILE B 301 10.54 -8.89 -16.04
C ILE B 301 9.66 -9.02 -14.80
N PRO B 302 8.62 -9.87 -14.82
CA PRO B 302 7.73 -9.97 -13.66
C PRO B 302 8.43 -10.57 -12.45
N LYS B 303 8.09 -10.05 -11.28
CA LYS B 303 8.64 -10.55 -10.02
C LYS B 303 8.32 -12.03 -9.88
N GLY B 304 9.27 -12.79 -9.33
CA GLY B 304 9.13 -14.23 -9.30
C GLY B 304 9.50 -14.95 -10.58
N SER B 305 9.80 -14.25 -11.67
CA SER B 305 10.15 -14.91 -12.92
C SER B 305 11.68 -14.92 -13.09
N LEU B 306 12.15 -15.76 -14.02
CA LEU B 306 13.58 -16.00 -14.19
C LEU B 306 14.33 -14.70 -14.46
N TYR B 307 15.37 -14.45 -13.65
CA TYR B 307 16.32 -13.35 -13.75
C TYR B 307 15.71 -12.00 -13.39
N HIS B 308 14.52 -11.98 -12.78
CA HIS B 308 13.96 -10.72 -12.30
C HIS B 308 14.93 -10.07 -11.32
N TYR B 309 15.19 -8.77 -11.49
CA TYR B 309 16.14 -8.03 -10.67
C TYR B 309 15.38 -7.20 -9.65
N ALA B 310 15.45 -7.58 -8.37
CA ALA B 310 14.61 -6.98 -7.34
C ALA B 310 15.03 -5.57 -6.98
N ASN B 311 16.27 -5.17 -7.25
CA ASN B 311 16.77 -3.85 -6.90
C ASN B 311 16.84 -2.90 -8.10
N ASN B 312 16.02 -3.13 -9.11
CA ASN B 312 15.99 -2.22 -10.25
C ASN B 312 15.50 -0.83 -9.81
N LEU B 313 15.98 0.20 -10.51
CA LEU B 313 15.72 1.58 -10.10
C LEU B 313 14.22 1.87 -10.05
N GLN B 314 13.79 2.48 -8.94
CA GLN B 314 12.45 3.09 -8.80
C GLN B 314 12.64 4.58 -8.60
N ARG B 315 12.27 5.36 -9.59
CA ARG B 315 12.43 6.81 -9.49
C ARG B 315 11.47 7.38 -8.45
N PRO B 316 11.97 8.02 -7.40
CA PRO B 316 11.06 8.61 -6.41
C PRO B 316 10.19 9.66 -7.09
N TYR B 317 8.98 9.80 -6.57
CA TYR B 317 8.10 10.88 -7.00
C TYR B 317 8.81 12.21 -6.77
N ASP B 318 8.97 13.00 -7.83
CA ASP B 318 9.70 14.26 -7.74
C ASP B 318 9.16 15.19 -8.81
N PRO B 319 8.05 15.87 -8.52
CA PRO B 319 7.45 16.76 -9.52
C PRO B 319 8.29 18.00 -9.81
N ALA B 320 9.12 18.44 -8.87
CA ALA B 320 10.03 19.54 -9.15
C ALA B 320 11.02 19.16 -10.24
N ALA B 321 11.67 17.99 -10.10
CA ALA B 321 12.61 17.54 -11.12
C ALA B 321 11.89 17.30 -12.44
N ALA B 322 10.68 16.73 -12.39
CA ALA B 322 9.95 16.49 -13.65
C ALA B 322 9.71 17.79 -14.40
N LYS B 323 9.30 18.85 -13.69
CA LYS B 323 9.07 20.12 -14.35
C LYS B 323 10.36 20.69 -14.95
N LYS B 324 11.47 20.53 -14.27
CA LYS B 324 12.73 21.05 -14.78
C LYS B 324 13.16 20.28 -16.02
N LEU B 325 13.00 18.97 -15.99
CA LEU B 325 13.37 18.15 -17.12
C LEU B 325 12.52 18.52 -18.33
N LEU B 326 11.24 18.73 -18.10
CA LEU B 326 10.33 19.10 -19.15
C LEU B 326 10.75 20.43 -19.79
N ALA B 327 10.86 21.46 -18.97
CA ALA B 327 11.21 22.78 -19.48
C ALA B 327 12.54 22.75 -20.24
N ASP B 328 13.54 22.04 -19.70
CA ASP B 328 14.82 21.98 -20.38
C ASP B 328 14.74 21.24 -21.72
N ALA B 329 13.72 20.41 -21.92
CA ALA B 329 13.52 19.66 -23.15
C ALA B 329 12.61 20.36 -24.14
N GLY B 330 12.20 21.60 -23.84
CA GLY B 330 11.24 22.28 -24.68
C GLY B 330 9.87 21.66 -24.64
N ALA B 331 9.53 20.99 -23.53
CA ALA B 331 8.26 20.27 -23.41
C ALA B 331 7.45 20.78 -22.23
N LYS B 332 7.49 22.10 -22.00
CA LYS B 332 6.79 22.68 -20.86
C LYS B 332 5.28 22.49 -20.96
N ASP B 333 4.73 22.55 -22.17
CA ASP B 333 3.28 22.37 -22.32
C ASP B 333 2.95 21.09 -23.08
N LEU B 334 3.36 19.96 -22.54
CA LEU B 334 3.19 18.70 -23.23
C LEU B 334 1.72 18.27 -23.18
N LYS B 335 1.15 17.99 -24.35
CA LYS B 335 -0.21 17.48 -24.47
C LYS B 335 -0.15 16.05 -24.99
N LEU B 336 -0.96 15.17 -24.42
CA LEU B 336 -0.81 13.74 -24.67
C LEU B 336 -2.14 13.10 -25.01
N ASN B 337 -2.15 12.33 -26.10
CA ASN B 337 -3.26 11.50 -26.51
C ASN B 337 -3.21 10.21 -25.70
N TYR B 338 -4.04 10.12 -24.68
CA TYR B 338 -4.04 8.97 -23.78
C TYR B 338 -5.24 8.09 -24.15
N VAL B 339 -4.95 6.98 -24.83
CA VAL B 339 -5.96 6.01 -25.24
C VAL B 339 -6.38 5.14 -24.06
N VAL B 340 -7.67 5.14 -23.77
CA VAL B 340 -8.26 4.47 -22.60
C VAL B 340 -9.26 3.43 -23.08
N ASN B 341 -9.20 2.23 -22.52
CA ASN B 341 -10.13 1.15 -22.87
C ASN B 341 -11.40 1.26 -22.02
N ALA B 342 -12.48 1.72 -22.65
CA ALA B 342 -13.74 1.93 -21.94
C ALA B 342 -14.34 0.59 -21.48
N GLY B 343 -14.88 0.59 -20.27
CA GLY B 343 -15.34 -0.66 -19.70
C GLY B 343 -14.28 -1.44 -18.95
N ASN B 344 -13.01 -1.10 -19.09
CA ASN B 344 -11.92 -1.69 -18.29
C ASN B 344 -11.75 -0.80 -17.07
N GLU B 345 -12.25 -1.26 -15.90
CA GLU B 345 -12.27 -0.41 -14.71
C GLU B 345 -10.85 0.04 -14.30
N ALA B 346 -9.90 -0.89 -14.27
CA ALA B 346 -8.54 -0.51 -13.91
C ALA B 346 -7.99 0.53 -14.88
N ASP B 347 -8.16 0.29 -16.18
CA ASP B 347 -7.71 1.22 -17.21
C ASP B 347 -8.28 2.61 -16.97
N GLU B 348 -9.60 2.68 -16.72
CA GLU B 348 -10.26 3.96 -16.52
C GLU B 348 -9.80 4.65 -15.25
N GLN B 349 -9.70 3.91 -14.14
CA GLN B 349 -9.26 4.54 -12.89
C GLN B 349 -7.79 5.00 -12.98
N ILE B 350 -6.95 4.20 -13.62
CA ILE B 350 -5.54 4.59 -13.78
C ILE B 350 -5.44 5.87 -14.58
N ALA B 351 -6.24 5.98 -15.65
CA ALA B 351 -6.20 7.14 -16.51
C ALA B 351 -6.58 8.40 -15.74
N VAL B 352 -7.59 8.30 -14.87
CA VAL B 352 -7.97 9.45 -14.05
C VAL B 352 -6.82 9.88 -13.15
N ILE B 353 -6.20 8.92 -12.47
CA ILE B 353 -5.09 9.23 -11.56
C ILE B 353 -3.94 9.87 -12.32
N ILE B 354 -3.51 9.22 -13.41
CA ILE B 354 -2.37 9.72 -14.17
C ILE B 354 -2.66 11.10 -14.71
N LYS B 355 -3.90 11.34 -15.16
CA LYS B 355 -4.22 12.64 -15.70
C LYS B 355 -4.13 13.72 -14.63
N ASP B 356 -4.66 13.44 -13.42
CA ASP B 356 -4.60 14.40 -12.33
C ASP B 356 -3.17 14.66 -11.90
N GLN B 357 -2.34 13.62 -11.86
CA GLN B 357 -0.95 13.78 -11.39
C GLN B 357 -0.07 14.44 -12.45
N LEU B 358 -0.28 14.10 -13.72
CA LEU B 358 0.49 14.79 -14.77
C LEU B 358 0.14 16.27 -14.82
N ALA B 359 -1.08 16.63 -14.42
CA ALA B 359 -1.46 18.05 -14.44
C ALA B 359 -0.65 18.87 -13.47
N LYS B 360 -0.23 18.26 -12.35
CA LYS B 360 0.55 19.00 -11.36
C LYS B 360 1.91 19.45 -11.91
N VAL B 361 2.48 18.73 -12.89
CA VAL B 361 3.72 19.16 -13.54
C VAL B 361 3.45 19.84 -14.88
N GLY B 362 2.21 20.24 -15.13
CA GLY B 362 1.88 20.99 -16.32
C GLY B 362 1.75 20.19 -17.59
N VAL B 363 1.50 18.89 -17.49
CA VAL B 363 1.31 18.03 -18.65
C VAL B 363 -0.18 17.72 -18.77
N THR B 364 -0.73 17.87 -19.97
CA THR B 364 -2.15 17.66 -20.20
C THR B 364 -2.37 16.31 -20.87
N ALA B 365 -3.01 15.39 -20.16
CA ALA B 365 -3.37 14.08 -20.69
C ALA B 365 -4.84 14.13 -21.09
N ASN B 366 -5.10 14.08 -22.40
CA ASN B 366 -6.46 14.08 -22.93
C ASN B 366 -6.90 12.64 -23.16
N LEU B 367 -7.92 12.21 -22.42
CA LEU B 367 -8.35 10.83 -22.44
C LEU B 367 -9.21 10.60 -23.67
N GLN B 368 -8.86 9.60 -24.44
CA GLN B 368 -9.61 9.15 -25.57
C GLN B 368 -10.14 7.77 -25.23
N LYS B 369 -11.43 7.68 -24.95
CA LYS B 369 -12.02 6.41 -24.51
C LYS B 369 -12.49 5.61 -25.71
N VAL B 370 -12.05 4.35 -25.76
CA VAL B 370 -12.13 3.55 -26.97
C VAL B 370 -12.69 2.18 -26.61
N ASP B 371 -13.26 1.51 -27.60
CA ASP B 371 -13.72 0.14 -27.42
C ASP B 371 -12.53 -0.78 -27.12
N PRO B 372 -12.59 -1.57 -26.05
CA PRO B 372 -11.40 -2.35 -25.65
C PRO B 372 -10.90 -3.30 -26.72
N THR B 373 -11.76 -3.75 -27.63
CA THR B 373 -11.31 -4.65 -28.68
C THR B 373 -10.51 -3.93 -29.76
N GLN B 374 -10.58 -2.61 -29.82
CA GLN B 374 -10.04 -1.82 -30.92
C GLN B 374 -8.69 -1.18 -30.62
N SER B 375 -8.26 -1.17 -29.36
CA SER B 375 -7.10 -0.36 -28.99
C SER B 375 -5.80 -0.99 -29.44
N TRP B 376 -5.69 -2.33 -29.45
CA TRP B 376 -4.45 -2.96 -29.88
C TRP B 376 -4.04 -2.46 -31.25
N GLN B 377 -4.98 -2.45 -32.20
CA GLN B 377 -4.69 -1.97 -33.55
C GLN B 377 -4.23 -0.51 -33.55
N MET B 378 -4.77 0.30 -32.63
CA MET B 378 -4.31 1.68 -32.49
C MET B 378 -2.87 1.73 -32.01
N LEU B 379 -2.46 0.76 -31.19
CA LEU B 379 -1.06 0.71 -30.77
C LEU B 379 -0.17 0.27 -31.92
N VAL B 380 -0.63 -0.68 -32.73
CA VAL B 380 0.14 -1.11 -33.90
C VAL B 380 0.33 0.06 -34.86
N ASP B 381 -0.77 0.75 -35.20
CA ASP B 381 -0.72 1.91 -36.08
C ASP B 381 -0.04 3.12 -35.45
N GLY B 382 0.16 3.12 -34.14
CA GLY B 382 0.85 4.23 -33.50
C GLY B 382 -0.01 5.43 -33.24
N THR B 383 -1.34 5.30 -33.29
CA THR B 383 -2.24 6.43 -33.09
C THR B 383 -2.55 6.61 -31.59
N TYR B 384 -1.49 6.85 -30.83
CA TYR B 384 -1.58 7.05 -29.38
C TYR B 384 -0.30 7.73 -28.91
N ASP B 385 -0.38 8.45 -27.79
CA ASP B 385 0.83 8.92 -27.09
C ASP B 385 1.17 8.03 -25.90
N ILE B 386 0.17 7.73 -25.08
CA ILE B 386 0.34 6.82 -23.96
C ILE B 386 -0.92 5.95 -23.82
N SER B 387 -0.75 4.71 -23.41
CA SER B 387 -1.84 3.79 -23.19
C SER B 387 -1.38 2.66 -22.28
N VAL B 388 -2.29 2.13 -21.49
CA VAL B 388 -1.96 1.03 -20.60
C VAL B 388 -2.22 -0.30 -21.28
N MET B 389 -1.29 -1.22 -21.13
CA MET B 389 -1.42 -2.57 -21.64
C MET B 389 -0.74 -3.54 -20.67
N TYR B 390 -0.83 -4.81 -20.95
CA TYR B 390 -0.23 -5.80 -20.08
C TYR B 390 0.44 -6.88 -20.88
N TRP B 391 1.14 -7.75 -20.18
CA TRP B 391 1.77 -8.87 -20.80
C TRP B 391 1.94 -10.02 -19.80
N THR B 392 1.68 -11.23 -20.27
CA THR B 392 1.95 -12.44 -19.52
C THR B 392 2.91 -13.28 -20.35
N ASN B 393 3.80 -14.01 -19.68
CA ASN B 393 4.62 -14.99 -20.38
C ASN B 393 3.81 -16.26 -20.61
N ASP B 394 4.14 -17.01 -21.65
CA ASP B 394 3.63 -18.38 -21.71
C ASP B 394 4.73 -19.41 -21.93
N ILE B 395 6.00 -19.02 -21.78
CA ILE B 395 7.10 -19.96 -21.58
C ILE B 395 7.86 -19.57 -20.33
N LEU B 396 8.68 -20.49 -19.84
CA LEU B 396 9.47 -20.24 -18.64
C LEU B 396 10.84 -19.68 -18.97
N ASP B 397 10.89 -18.67 -19.85
CA ASP B 397 12.15 -18.01 -20.18
C ASP B 397 11.97 -16.52 -20.46
N PRO B 398 12.91 -15.67 -20.02
CA PRO B 398 12.81 -14.23 -20.30
C PRO B 398 12.96 -13.85 -21.76
N ASP B 399 13.38 -14.76 -22.63
CA ASP B 399 13.60 -14.35 -24.02
C ASP B 399 12.31 -13.90 -24.70
N GLN B 400 11.17 -14.53 -24.37
CA GLN B 400 9.92 -14.23 -25.05
C GLN B 400 9.52 -12.77 -24.85
N LYS B 401 9.36 -12.35 -23.59
CA LYS B 401 9.01 -10.95 -23.34
C LYS B 401 10.13 -10.00 -23.75
N THR B 402 11.38 -10.35 -23.42
CA THR B 402 12.51 -9.49 -23.78
C THR B 402 12.53 -9.17 -25.27
N THR B 403 12.25 -10.18 -26.11
CA THR B 403 12.27 -9.97 -27.55
C THR B 403 11.10 -9.11 -28.01
N PHE B 404 9.89 -9.40 -27.51
CA PHE B 404 8.71 -8.63 -27.90
C PHE B 404 8.82 -7.18 -27.45
N VAL B 405 9.34 -6.94 -26.25
CA VAL B 405 9.36 -5.60 -25.66
C VAL B 405 10.63 -4.83 -26.01
N LEU B 406 11.79 -5.51 -26.15
CA LEU B 406 13.08 -4.84 -26.29
C LEU B 406 13.90 -5.25 -27.51
N GLY B 407 13.51 -6.31 -28.23
CA GLY B 407 14.27 -6.90 -29.31
C GLY B 407 14.29 -6.15 -30.64
N HIS B 408 13.55 -5.05 -30.76
CA HIS B 408 13.51 -4.29 -32.00
C HIS B 408 13.07 -5.16 -33.17
N ASP B 409 12.13 -6.09 -32.91
CA ASP B 409 11.67 -7.00 -33.95
C ASP B 409 10.43 -6.39 -34.63
N THR B 410 9.63 -7.20 -35.31
CA THR B 410 8.54 -6.64 -36.09
C THR B 410 7.48 -5.94 -35.23
N ASN B 411 7.42 -6.24 -33.94
CA ASN B 411 6.43 -5.68 -33.04
C ASN B 411 6.82 -4.32 -32.48
N GLN B 412 7.95 -3.76 -32.92
CA GLN B 412 8.40 -2.41 -32.59
C GLN B 412 8.40 -2.16 -31.08
N ASN B 413 8.87 -3.14 -30.32
CA ASN B 413 9.12 -2.98 -28.89
C ASN B 413 7.83 -2.69 -28.12
N TYR B 414 6.94 -3.68 -28.17
CA TYR B 414 5.55 -3.53 -27.72
C TYR B 414 4.97 -2.23 -28.29
N MET B 415 5.23 -1.97 -29.56
CA MET B 415 4.62 -0.86 -30.28
C MET B 415 5.01 0.50 -29.72
N THR B 416 6.08 0.58 -28.92
CA THR B 416 6.56 1.87 -28.45
C THR B 416 7.44 2.57 -29.46
N ARG B 417 8.06 1.80 -30.36
CA ARG B 417 9.11 2.29 -31.25
C ARG B 417 10.35 2.77 -30.48
N TYR B 418 10.50 2.32 -29.23
CA TYR B 418 11.76 2.48 -28.49
C TYR B 418 12.95 2.03 -29.33
N LYS B 419 13.97 2.88 -29.42
CA LYS B 419 15.18 2.60 -30.20
C LYS B 419 16.42 2.74 -29.31
N ASN B 420 17.13 1.63 -29.06
CA ASN B 420 18.43 1.69 -28.37
C ASN B 420 19.33 0.60 -28.94
N ASP B 421 20.38 1.00 -29.66
CA ASP B 421 21.22 0.01 -30.35
C ASP B 421 21.89 -0.94 -29.37
N GLN B 422 22.29 -0.43 -28.19
CA GLN B 422 22.92 -1.30 -27.21
C GLN B 422 21.96 -2.38 -26.71
N VAL B 423 20.70 -2.03 -26.48
CA VAL B 423 19.79 -3.07 -26.03
C VAL B 423 19.45 -4.02 -27.17
N LYS B 424 19.34 -3.51 -28.40
CA LYS B 424 19.05 -4.40 -29.52
C LYS B 424 20.10 -5.52 -29.60
N ALA B 425 21.38 -5.15 -29.55
CA ALA B 425 22.44 -6.16 -29.62
C ALA B 425 22.38 -7.11 -28.43
N LEU B 426 22.09 -6.57 -27.24
CA LEU B 426 22.17 -7.33 -26.01
C LEU B 426 21.02 -8.33 -25.86
N VAL B 427 19.86 -8.04 -26.47
CA VAL B 427 18.78 -9.02 -26.51
C VAL B 427 19.19 -10.26 -27.30
N ALA B 428 19.85 -10.06 -28.45
CA ALA B 428 20.25 -11.21 -29.26
C ALA B 428 21.42 -11.96 -28.63
N ALA B 429 22.35 -11.23 -28.02
CA ALA B 429 23.42 -11.88 -27.26
C ALA B 429 22.88 -12.71 -26.11
N ALA B 430 21.99 -12.13 -25.30
CA ALA B 430 21.48 -12.84 -24.13
C ALA B 430 20.77 -14.12 -24.53
N ARG B 431 20.18 -14.15 -25.73
CA ARG B 431 19.44 -15.32 -26.17
C ARG B 431 20.37 -16.53 -26.35
N ILE B 432 21.51 -16.32 -27.03
CA ILE B 432 22.42 -17.41 -27.37
C ILE B 432 23.57 -17.55 -26.38
N GLU B 433 23.51 -16.86 -25.25
CA GLU B 433 24.57 -16.93 -24.26
C GLU B 433 24.52 -18.30 -23.57
N ALA B 434 25.57 -19.11 -23.76
CA ALA B 434 25.58 -20.48 -23.27
C ALA B 434 25.88 -20.58 -21.78
N ASP B 435 26.64 -19.64 -21.23
CA ASP B 435 26.88 -19.63 -19.79
C ASP B 435 25.66 -19.06 -19.09
N PRO B 436 24.95 -19.86 -18.28
CA PRO B 436 23.77 -19.32 -17.58
C PRO B 436 24.08 -18.17 -16.64
N ALA B 437 25.30 -18.12 -16.09
CA ALA B 437 25.65 -17.02 -15.17
C ALA B 437 25.84 -15.71 -15.92
N LYS B 438 26.54 -15.74 -17.05
CA LYS B 438 26.66 -14.53 -17.86
C LYS B 438 25.31 -14.13 -18.45
N ARG B 439 24.47 -15.11 -18.79
CA ARG B 439 23.14 -14.81 -19.32
C ARG B 439 22.31 -14.04 -18.32
N GLU B 440 22.35 -14.45 -17.05
CA GLU B 440 21.55 -13.76 -16.05
C GLU B 440 21.98 -12.31 -15.93
N GLN B 441 23.29 -12.05 -15.97
CA GLN B 441 23.78 -10.68 -15.88
C GLN B 441 23.37 -9.85 -17.08
N MET B 442 23.22 -10.49 -18.24
CA MET B 442 22.77 -9.76 -19.43
C MET B 442 21.31 -9.34 -19.29
N TYR B 443 20.46 -10.23 -18.77
CA TYR B 443 19.07 -9.87 -18.53
C TYR B 443 18.93 -8.85 -17.40
N ILE B 444 19.80 -8.90 -16.38
CA ILE B 444 19.83 -7.84 -15.38
C ILE B 444 20.15 -6.51 -16.04
N ASP B 445 21.19 -6.48 -16.87
CA ASP B 445 21.53 -5.24 -17.56
C ASP B 445 20.40 -4.80 -18.49
N LEU B 446 19.68 -5.73 -19.09
CA LEU B 446 18.56 -5.31 -19.94
C LEU B 446 17.46 -4.63 -19.12
N GLN B 447 17.18 -5.15 -17.91
CA GLN B 447 16.20 -4.48 -17.04
C GLN B 447 16.67 -3.10 -16.62
N LYS B 448 17.97 -2.95 -16.35
CA LYS B 448 18.55 -1.66 -15.98
C LYS B 448 18.53 -0.69 -17.16
N LEU B 449 18.93 -1.16 -18.35
CA LEU B 449 18.97 -0.30 -19.54
C LEU B 449 17.57 0.20 -19.90
N ALA B 450 16.59 -0.72 -19.98
CA ALA B 450 15.21 -0.33 -20.28
C ALA B 450 14.68 0.67 -19.27
N LYS B 451 15.05 0.51 -18.00
CA LYS B 451 14.61 1.43 -16.96
C LYS B 451 15.29 2.79 -17.09
N GLN B 452 16.59 2.80 -17.44
CA GLN B 452 17.29 4.07 -17.63
C GLN B 452 16.66 4.89 -18.75
N ASP B 453 16.33 4.21 -19.85
CA ASP B 453 15.77 4.84 -21.05
C ASP B 453 14.27 5.09 -20.96
N VAL B 454 13.59 4.47 -19.99
CA VAL B 454 12.12 4.50 -19.91
C VAL B 454 11.55 4.00 -21.24
N ASN B 455 11.76 2.71 -21.55
CA ASN B 455 11.05 2.11 -22.67
C ASN B 455 9.55 2.27 -22.48
N TRP B 456 9.09 2.12 -21.24
CA TRP B 456 7.70 2.26 -20.89
C TRP B 456 7.68 2.53 -19.38
N ILE B 457 6.51 2.83 -18.87
CA ILE B 457 6.36 3.05 -17.44
C ILE B 457 5.78 1.77 -16.84
N ASP B 458 6.60 1.09 -16.04
CA ASP B 458 6.13 -0.09 -15.32
C ASP B 458 5.17 0.35 -14.23
N LEU B 459 4.08 -0.43 -14.05
CA LEU B 459 3.01 -0.06 -13.14
C LEU B 459 2.88 -1.11 -12.04
N TYR B 460 2.37 -2.31 -12.34
CA TYR B 460 2.23 -3.26 -11.24
C TYR B 460 2.20 -4.67 -11.76
N TYR B 461 2.60 -5.60 -10.89
CA TYR B 461 2.32 -7.02 -11.04
C TYR B 461 1.04 -7.36 -10.28
N SER B 462 0.36 -8.40 -10.73
CA SER B 462 -0.86 -8.83 -10.04
C SER B 462 -1.12 -10.27 -10.42
N PRO B 463 -1.81 -11.03 -9.58
CA PRO B 463 -2.22 -12.38 -9.96
C PRO B 463 -3.34 -12.33 -10.98
N TYR B 464 -3.65 -13.48 -11.55
CA TYR B 464 -4.85 -13.63 -12.37
C TYR B 464 -6.06 -13.70 -11.44
N ILE B 465 -7.03 -12.82 -11.64
CA ILE B 465 -8.24 -12.83 -10.82
C ILE B 465 -9.44 -13.14 -11.73
N ASN B 466 -10.00 -14.33 -11.57
CA ASN B 466 -11.10 -14.82 -12.36
C ASN B 466 -12.22 -15.24 -11.40
N ILE B 467 -13.38 -15.57 -11.97
CA ILE B 467 -14.56 -15.92 -11.20
C ILE B 467 -15.25 -17.11 -11.85
N SER B 468 -15.79 -18.00 -11.01
CA SER B 468 -16.53 -19.16 -11.48
C SER B 468 -17.73 -19.39 -10.56
N ARG B 469 -18.86 -19.78 -11.14
CA ARG B 469 -19.97 -20.21 -10.30
C ARG B 469 -19.56 -21.47 -9.55
N LYS B 470 -20.18 -21.68 -8.39
CA LYS B 470 -19.71 -22.69 -7.46
C LYS B 470 -19.75 -24.10 -8.03
N ASN B 471 -20.64 -24.38 -8.99
CA ASN B 471 -20.69 -25.72 -9.58
C ASN B 471 -19.57 -26.03 -10.57
N VAL B 472 -18.74 -25.03 -10.93
CA VAL B 472 -17.58 -25.26 -11.79
C VAL B 472 -16.40 -25.73 -10.95
N SER B 473 -15.78 -26.84 -11.34
CA SER B 473 -14.63 -27.38 -10.64
C SER B 473 -13.38 -27.25 -11.50
N ASN B 474 -12.24 -27.00 -10.86
CA ASN B 474 -10.92 -27.06 -11.48
C ASN B 474 -10.71 -26.00 -12.55
N PHE B 475 -11.26 -24.81 -12.33
CA PHE B 475 -11.13 -23.69 -13.28
C PHE B 475 -9.90 -22.86 -12.89
N LEU B 476 -8.73 -23.40 -13.18
CA LEU B 476 -7.46 -22.82 -12.78
C LEU B 476 -6.76 -22.23 -14.01
N GLN B 477 -6.18 -21.05 -13.85
CA GLN B 477 -5.31 -20.45 -14.86
C GLN B 477 -3.87 -20.59 -14.36
N ASN B 478 -3.05 -21.36 -15.07
CA ASN B 478 -1.67 -21.60 -14.64
C ASN B 478 -0.86 -20.31 -14.85
N PRO B 479 0.35 -20.21 -14.29
CA PRO B 479 1.06 -18.91 -14.31
C PRO B 479 1.36 -18.41 -15.71
N LEU B 480 1.40 -19.31 -16.69
CA LEU B 480 1.61 -18.94 -18.08
C LEU B 480 0.30 -18.62 -18.79
N GLY B 481 -0.78 -18.41 -18.04
CA GLY B 481 -2.00 -17.96 -18.66
C GLY B 481 -2.88 -19.06 -19.25
N ARG B 482 -2.45 -20.31 -19.21
CA ARG B 482 -3.24 -21.39 -19.80
C ARG B 482 -4.29 -21.90 -18.81
N PHE B 483 -5.55 -21.92 -19.25
CA PHE B 483 -6.65 -22.42 -18.44
C PHE B 483 -6.71 -23.93 -18.53
N THR B 484 -6.84 -24.59 -17.38
CA THR B 484 -6.98 -26.06 -17.35
C THR B 484 -8.41 -26.48 -17.71
N LEU B 485 -8.83 -26.12 -18.93
CA LEU B 485 -10.17 -26.49 -19.40
C LEU B 485 -10.32 -27.98 -19.58
N GLU B 486 -9.21 -28.71 -19.71
CA GLU B 486 -9.29 -30.16 -19.82
C GLU B 486 -9.69 -30.80 -18.49
N GLU B 487 -9.40 -30.13 -17.36
CA GLU B 487 -9.74 -30.66 -16.04
C GLU B 487 -11.05 -30.13 -15.50
N VAL B 488 -11.66 -29.15 -16.17
CA VAL B 488 -12.90 -28.56 -15.68
C VAL B 488 -14.00 -29.61 -15.65
N VAL B 489 -14.80 -29.58 -14.58
CA VAL B 489 -16.03 -30.37 -14.47
C VAL B 489 -17.13 -29.43 -13.98
N LYS B 490 -18.29 -29.49 -14.63
CA LYS B 490 -19.44 -28.66 -14.24
C LYS B 490 -20.40 -29.38 -13.28
C02 XN7 C . -0.74 14.05 26.19
C03 XN7 C . -0.92 14.49 24.74
C05 XN7 C . -2.27 12.67 24.06
C06 XN7 C . -2.27 11.48 23.11
C09 XN7 C . -3.50 9.85 21.67
C10 XN7 C . -3.19 10.35 20.25
N04 XN7 C . -0.97 13.28 23.93
N08 XN7 C . -3.51 10.98 22.57
O01 XN7 C . -2.02 14.04 26.76
O07 XN7 C . -1.22 11.01 22.81
O11 XN7 C . -4.18 11.28 19.86
C1 GOL D . 9.59 -11.09 19.74
O1 GOL D . 8.34 -10.99 19.11
C2 GOL D . 10.60 -11.26 18.57
O2 GOL D . 10.96 -10.07 17.96
C3 GOL D . 11.74 -12.07 19.15
O3 GOL D . 11.21 -13.34 19.46
C1 GOL E . 6.06 22.05 -8.57
O1 GOL E . 5.04 21.09 -8.36
C2 GOL E . 7.07 21.95 -7.40
O2 GOL E . 8.35 22.32 -7.77
C3 GOL E . 6.48 22.84 -6.23
O3 GOL E . 6.72 24.21 -6.50
C1 GOL F . 3.09 8.33 11.84
O1 GOL F . 1.74 7.87 11.69
C2 GOL F . 3.89 7.62 10.72
O2 GOL F . 3.76 6.23 10.83
C3 GOL F . 5.35 8.07 10.88
O3 GOL F . 5.46 9.35 10.35
S SO4 G . 15.50 24.49 10.36
O1 SO4 G . 14.68 24.10 11.52
O2 SO4 G . 15.13 23.62 9.23
O3 SO4 G . 16.92 24.36 10.70
O4 SO4 G . 15.26 25.90 10.03
C02 XN7 H . 2.99 -14.63 -24.51
C03 XN7 H . 1.48 -14.71 -24.38
C05 XN7 H . 1.23 -12.42 -24.75
C06 XN7 H . 0.66 -11.11 -24.21
C09 XN7 H . -0.47 -8.91 -24.72
C10 XN7 H . -1.88 -9.12 -24.18
N04 XN7 H . 1.05 -13.47 -23.78
N08 XN7 H . 0.08 -10.18 -25.15
O01 XN7 H . 3.30 -14.37 -25.86
O07 XN7 H . 0.67 -10.88 -23.04
O11 XN7 H . -2.69 -9.59 -25.22
C1 GOL I . -7.56 -7.17 -15.40
O1 GOL I . -8.09 -6.29 -16.35
C2 GOL I . -7.77 -6.57 -13.98
O2 GOL I . -7.83 -5.18 -13.91
C3 GOL I . -8.98 -7.23 -13.47
O3 GOL I . -8.59 -8.40 -12.80
C1 GOL J . 7.51 6.19 -6.75
O1 GOL J . 6.54 6.85 -7.55
C2 GOL J . 6.95 6.02 -5.29
O2 GOL J . 5.66 5.52 -5.29
C3 GOL J . 7.03 7.42 -4.62
O3 GOL J . 8.38 7.76 -4.53
C1 GOL K . 20.77 5.69 -24.28
O1 GOL K . 19.53 6.22 -24.66
C2 GOL K . 21.43 5.09 -25.56
O2 GOL K . 21.67 6.05 -26.56
C3 GOL K . 22.73 4.42 -25.07
O3 GOL K . 22.48 3.90 -23.81
C1 GOL L . 2.05 -12.46 -9.03
O1 GOL L . 1.19 -13.56 -9.08
C2 GOL L . 1.75 -11.68 -7.71
O2 GOL L . 2.34 -12.27 -6.60
C3 GOL L . 2.26 -10.23 -7.95
O3 GOL L . 3.68 -10.25 -7.78
C1 GOL M . -16.67 -1.24 -15.62
O1 GOL M . -17.92 -1.75 -15.92
C2 GOL M . -16.85 0.27 -15.44
O2 GOL M . -15.91 0.78 -14.57
C3 GOL M . -16.75 0.83 -16.91
O3 GOL M . -17.06 2.21 -16.87
S SO4 N . -11.89 -25.42 -7.58
O1 SO4 N . -10.99 -24.94 -8.63
O2 SO4 N . -12.24 -26.83 -7.83
O3 SO4 N . -13.12 -24.63 -7.54
O4 SO4 N . -11.22 -25.32 -6.28
S SO4 O . 11.71 -0.17 -33.35
O1 SO4 O . 12.10 -1.45 -33.97
O2 SO4 O . 11.22 -0.47 -31.99
O3 SO4 O . 10.64 0.46 -34.14
O4 SO4 O . 12.85 0.74 -33.26
#